data_6U8P
#
_entry.id   6U8P
#
_cell.length_a   193.303
_cell.length_b   193.303
_cell.length_c   49.649
_cell.angle_alpha   90.000
_cell.angle_beta   90.000
_cell.angle_gamma   120.000
#
_symmetry.space_group_name_H-M   'P 31'
#
loop_
_entity.id
_entity.type
_entity.pdbx_description
1 polymer 'DNA (cytosine-5)-methyltransferase 3B'
2 polymer 'DNA (cytosine-5)-methyltransferase 3-like'
3 polymer 'CpGpA DNA (25-MER)'
4 non-polymer 'MAGNESIUM ION'
5 non-polymer S-ADENOSYL-L-HOMOCYSTEINE
6 water water
#
loop_
_entity_poly.entity_id
_entity_poly.type
_entity_poly.pdbx_seq_one_letter_code
_entity_poly.pdbx_strand_id
1 'polypeptide(L)'
;LYPAIPAARRRPIRVLSLFDGIATGYLVLKELGIKVGKYVASEVCEESIAVGTVKHEGNIKYVNDVRNITKKNIEEWGPF
DLVIGGSPCNDLSNVNPARKGLYEGTGRLFFEFYHLLNYSRPKEGDDRPFFWMFENVVAMKVGDKRDISRFLECNPVMID
AIKVSAAHRARYFWGNLPGMNRPVIASKNDKLELQDCLEYNRIAKLKKVQTITTKSNSIKQGKNQLFPVVMNGKEDVLWC
TELERIFGFPVHYTDVSNMGRGARQKLLGRSWSVPVIRHLFAPLKDYFACE
;
A,D
2 'polypeptide(L)'
;MFETVPVWRRQPVRVLSLFEDIKKELTSLGFLESGSDPGQLKHVVDVTDTVRKDVEEWGPFDLVYGATPPLGHTCDRPPS
WYLFQFHRLLQYARPKPGSPRPFFWMFVDNLVLNKEDLDVASRFLEMEPVTIPDVHGGSLQNAVRVWSNIPAIRSRHWAL
VSEEELSLLAQNKQSSKLAAKWPTKLVKNCFLPLREYFKYFSTELTSSL
;
B,C
3 'polydeoxyribonucleotide'
;(DC)(DA)(DT)(DG)(PYO)(DG)(DA)(DT)(DC)(DT)(DA)(DA)(DT)(DT)(DA)(DG)(DA)(DT)(DC)
(DG)(DC)(DA)(DT)(DG)(DG)
;
E,F
#
# COMPACT_ATOMS: atom_id res chain seq x y z
N LEU A 1 -42.90 8.64 7.70
CA LEU A 1 -43.90 8.65 6.65
C LEU A 1 -44.15 7.24 6.10
N TYR A 2 -43.11 6.40 6.16
CA TYR A 2 -43.21 5.03 5.66
C TYR A 2 -43.73 4.12 6.76
N PRO A 3 -44.75 3.32 6.50
CA PRO A 3 -45.31 2.46 7.54
C PRO A 3 -44.34 1.35 7.95
N ALA A 4 -44.53 0.87 9.18
CA ALA A 4 -43.66 -0.18 9.71
C ALA A 4 -43.95 -1.52 9.03
N ILE A 5 -42.90 -2.33 8.91
CA ILE A 5 -42.97 -3.64 8.29
C ILE A 5 -42.81 -4.69 9.38
N PRO A 6 -43.69 -5.68 9.48
CA PRO A 6 -43.46 -6.79 10.41
C PRO A 6 -42.17 -7.53 10.06
N ALA A 7 -41.50 -8.03 11.10
CA ALA A 7 -40.16 -8.58 10.92
C ALA A 7 -40.15 -9.73 9.92
N ALA A 8 -41.18 -10.58 9.95
CA ALA A 8 -41.25 -11.69 9.01
C ALA A 8 -41.54 -11.23 7.60
N ARG A 9 -42.25 -10.11 7.44
CA ARG A 9 -42.55 -9.59 6.11
C ARG A 9 -41.36 -8.93 5.44
N ARG A 10 -40.25 -8.73 6.15
CA ARG A 10 -39.09 -8.08 5.58
C ARG A 10 -38.38 -9.00 4.59
N ARG A 11 -37.85 -8.42 3.53
CA ARG A 11 -37.10 -9.12 2.50
C ARG A 11 -35.78 -8.42 2.27
N PRO A 12 -34.77 -9.12 1.75
CA PRO A 12 -33.46 -8.50 1.53
C PRO A 12 -33.54 -7.25 0.68
N ILE A 13 -32.61 -6.33 0.92
CA ILE A 13 -32.63 -4.99 0.32
C ILE A 13 -31.95 -5.04 -1.03
N ARG A 14 -32.49 -4.27 -1.98
CA ARG A 14 -31.96 -4.18 -3.34
C ARG A 14 -31.52 -2.75 -3.59
N VAL A 15 -30.21 -2.56 -3.79
CA VAL A 15 -29.60 -1.23 -3.76
C VAL A 15 -29.06 -0.89 -5.14
N LEU A 16 -29.30 0.36 -5.56
CA LEU A 16 -28.68 0.95 -6.75
C LEU A 16 -27.75 2.05 -6.27
N SER A 17 -26.44 1.81 -6.37
CA SER A 17 -25.43 2.75 -5.91
C SER A 17 -24.78 3.42 -7.12
N LEU A 18 -25.09 4.70 -7.33
CA LEU A 18 -24.50 5.47 -8.41
C LEU A 18 -23.29 6.22 -7.88
N PHE A 19 -22.24 6.28 -8.70
CA PHE A 19 -20.95 6.85 -8.29
C PHE A 19 -20.43 6.16 -7.03
N ASP A 20 -20.43 4.82 -7.09
CA ASP A 20 -20.28 4.01 -5.89
C ASP A 20 -18.93 4.20 -5.21
N GLY A 21 -17.90 4.58 -5.96
CA GLY A 21 -16.59 4.78 -5.36
C GLY A 21 -16.01 3.47 -4.88
N ILE A 22 -15.73 3.38 -3.58
CA ILE A 22 -15.07 2.21 -3.01
C ILE A 22 -16.08 1.40 -2.21
N ALA A 23 -17.35 1.46 -2.64
CA ALA A 23 -18.40 0.60 -2.11
C ALA A 23 -18.67 0.89 -0.64
N THR A 24 -18.60 2.17 -0.27
CA THR A 24 -18.90 2.56 1.11
C THR A 24 -20.31 2.14 1.50
N GLY A 25 -21.29 2.35 0.61
CA GLY A 25 -22.66 2.01 0.92
C GLY A 25 -22.83 0.53 1.23
N TYR A 26 -22.28 -0.34 0.38
CA TYR A 26 -22.39 -1.77 0.62
C TYR A 26 -21.71 -2.18 1.92
N LEU A 27 -20.54 -1.58 2.20
CA LEU A 27 -19.85 -1.87 3.44
C LEU A 27 -20.70 -1.54 4.64
N VAL A 28 -21.34 -0.36 4.63
CA VAL A 28 -22.14 0.08 5.77
C VAL A 28 -23.30 -0.88 5.99
N LEU A 29 -24.01 -1.24 4.92
CA LEU A 29 -25.16 -2.12 5.04
C LEU A 29 -24.77 -3.48 5.60
N LYS A 30 -23.64 -4.02 5.15
CA LYS A 30 -23.22 -5.36 5.60
C LYS A 30 -22.84 -5.36 7.08
N GLU A 31 -22.22 -4.27 7.56
CA GLU A 31 -21.83 -4.19 8.97
C GLU A 31 -23.00 -3.80 9.86
N LEU A 32 -24.07 -3.24 9.29
CA LEU A 32 -25.31 -3.03 10.03
C LEU A 32 -26.09 -4.31 10.27
N GLY A 33 -25.71 -5.40 9.61
CA GLY A 33 -26.43 -6.65 9.71
C GLY A 33 -27.57 -6.81 8.72
N ILE A 34 -27.70 -5.90 7.76
CA ILE A 34 -28.79 -5.97 6.79
C ILE A 34 -28.42 -6.94 5.69
N LYS A 35 -29.31 -7.88 5.40
CA LYS A 35 -29.12 -8.79 4.27
C LYS A 35 -29.31 -8.03 2.97
N VAL A 36 -28.28 -8.04 2.13
CA VAL A 36 -28.30 -7.33 0.85
C VAL A 36 -28.62 -8.34 -0.25
N GLY A 37 -29.79 -8.16 -0.89
CA GLY A 37 -30.16 -9.05 -1.98
C GLY A 37 -29.51 -8.71 -3.29
N LYS A 38 -29.27 -7.42 -3.56
CA LYS A 38 -28.69 -6.99 -4.82
C LYS A 38 -28.10 -5.60 -4.64
N TYR A 39 -26.89 -5.40 -5.17
CA TYR A 39 -26.19 -4.13 -5.04
C TYR A 39 -25.59 -3.79 -6.40
N VAL A 40 -26.28 -2.91 -7.13
CA VAL A 40 -25.85 -2.49 -8.46
C VAL A 40 -25.04 -1.21 -8.32
N ALA A 41 -23.79 -1.24 -8.77
CA ALA A 41 -22.86 -0.13 -8.60
C ALA A 41 -22.46 0.44 -9.95
N SER A 42 -22.64 1.75 -10.10
CA SER A 42 -22.20 2.48 -11.28
C SER A 42 -20.91 3.21 -10.93
N GLU A 43 -19.80 2.76 -11.52
CA GLU A 43 -18.48 3.32 -11.22
C GLU A 43 -17.58 3.11 -12.43
N VAL A 44 -16.68 4.07 -12.65
CA VAL A 44 -15.82 4.05 -13.83
C VAL A 44 -14.34 4.01 -13.50
N CYS A 45 -13.94 4.15 -12.23
CA CYS A 45 -12.54 4.09 -11.85
C CYS A 45 -12.16 2.64 -11.58
N GLU A 46 -11.22 2.11 -12.35
CA GLU A 46 -10.83 0.70 -12.22
C GLU A 46 -10.38 0.37 -10.81
N GLU A 47 -9.53 1.24 -10.24
CA GLU A 47 -9.00 0.98 -8.90
C GLU A 47 -10.12 0.96 -7.87
N SER A 48 -11.10 1.85 -8.01
CA SER A 48 -12.26 1.83 -7.12
C SER A 48 -13.01 0.51 -7.25
N ILE A 49 -13.29 0.09 -8.49
CA ILE A 49 -13.98 -1.17 -8.73
C ILE A 49 -13.15 -2.33 -8.18
N ALA A 50 -11.84 -2.28 -8.33
CA ALA A 50 -10.97 -3.31 -7.79
C ALA A 50 -11.18 -3.46 -6.29
N VAL A 51 -11.32 -2.35 -5.57
CA VAL A 51 -11.56 -2.41 -4.14
C VAL A 51 -12.90 -3.07 -3.85
N GLY A 52 -13.95 -2.68 -4.59
CA GLY A 52 -15.28 -3.22 -4.32
C GLY A 52 -15.39 -4.70 -4.63
N THR A 53 -14.82 -5.14 -5.75
CA THR A 53 -14.92 -6.54 -6.11
C THR A 53 -14.11 -7.41 -5.16
N VAL A 54 -12.92 -6.95 -4.75
CA VAL A 54 -12.03 -7.79 -3.95
C VAL A 54 -12.49 -7.84 -2.50
N LYS A 55 -12.77 -6.68 -1.90
CA LYS A 55 -13.14 -6.65 -0.48
C LYS A 55 -14.51 -7.25 -0.24
N HIS A 56 -15.39 -7.26 -1.24
CA HIS A 56 -16.73 -7.81 -1.09
C HIS A 56 -16.95 -9.07 -1.91
N GLU A 57 -15.90 -9.59 -2.57
CA GLU A 57 -15.91 -10.92 -3.17
C GLU A 57 -17.03 -11.09 -4.19
N GLY A 58 -17.15 -10.13 -5.10
CA GLY A 58 -18.06 -10.24 -6.22
C GLY A 58 -19.53 -10.18 -5.90
N ASN A 59 -19.90 -9.75 -4.69
CA ASN A 59 -21.31 -9.55 -4.40
C ASN A 59 -21.88 -8.30 -5.05
N ILE A 60 -21.02 -7.45 -5.61
CA ILE A 60 -21.43 -6.19 -6.23
C ILE A 60 -21.44 -6.35 -7.74
N LYS A 61 -22.55 -5.98 -8.37
CA LYS A 61 -22.66 -5.98 -9.83
C LYS A 61 -22.33 -4.59 -10.36
N TYR A 62 -21.24 -4.49 -11.12
CA TYR A 62 -20.79 -3.22 -11.67
C TYR A 62 -21.34 -3.01 -13.08
N VAL A 63 -21.84 -1.80 -13.36
CA VAL A 63 -22.69 -1.45 -14.49
C VAL A 63 -22.17 -0.24 -15.26
N ASN A 64 -20.91 -0.31 -15.68
CA ASN A 64 -19.87 0.71 -15.64
C ASN A 64 -20.26 2.19 -15.63
N ASP A 65 -20.84 2.74 -16.69
CA ASP A 65 -21.00 4.20 -16.72
C ASP A 65 -22.45 4.58 -16.44
N VAL A 66 -22.63 5.63 -15.63
CA VAL A 66 -23.97 6.03 -15.26
C VAL A 66 -24.69 6.66 -16.45
N ARG A 67 -23.97 7.36 -17.31
CA ARG A 67 -24.59 7.99 -18.47
C ARG A 67 -24.99 6.98 -19.53
N ASN A 68 -24.61 5.72 -19.37
CA ASN A 68 -24.99 4.65 -20.29
C ASN A 68 -26.03 3.70 -19.69
N ILE A 69 -26.66 4.10 -18.58
CA ILE A 69 -27.73 3.33 -17.98
C ILE A 69 -29.04 3.79 -18.59
N THR A 70 -29.85 2.84 -19.06
CA THR A 70 -31.10 3.12 -19.74
C THR A 70 -32.28 2.85 -18.82
N LYS A 71 -33.46 3.33 -19.25
CA LYS A 71 -34.68 3.04 -18.50
C LYS A 71 -34.94 1.55 -18.46
N LYS A 72 -34.61 0.84 -19.54
CA LYS A 72 -34.78 -0.61 -19.55
C LYS A 72 -33.89 -1.27 -18.51
N ASN A 73 -32.67 -0.74 -18.32
CA ASN A 73 -31.77 -1.31 -17.32
C ASN A 73 -32.34 -1.18 -15.91
N ILE A 74 -32.97 -0.04 -15.61
CA ILE A 74 -33.53 0.18 -14.28
C ILE A 74 -34.65 -0.83 -14.01
N GLU A 75 -35.44 -1.15 -15.02
CA GLU A 75 -36.50 -2.13 -14.86
C GLU A 75 -35.95 -3.55 -14.84
N GLU A 76 -34.93 -3.83 -15.68
CA GLU A 76 -34.31 -5.14 -15.66
C GLU A 76 -33.56 -5.39 -14.36
N TRP A 77 -32.65 -4.48 -14.00
CA TRP A 77 -31.89 -4.64 -12.77
C TRP A 77 -32.75 -4.42 -11.53
N GLY A 78 -33.91 -3.79 -11.68
CA GLY A 78 -34.78 -3.53 -10.56
C GLY A 78 -35.60 -4.74 -10.15
N PRO A 79 -36.52 -4.54 -9.19
CA PRO A 79 -36.77 -3.26 -8.51
C PRO A 79 -35.68 -2.95 -7.49
N PHE A 80 -35.57 -1.67 -7.12
CA PHE A 80 -34.60 -1.22 -6.14
C PHE A 80 -35.31 -0.68 -4.91
N ASP A 81 -34.83 -1.08 -3.74
CA ASP A 81 -35.34 -0.58 -2.47
C ASP A 81 -34.55 0.62 -1.96
N LEU A 82 -33.36 0.87 -2.52
CA LEU A 82 -32.50 1.95 -2.06
C LEU A 82 -31.69 2.46 -3.24
N VAL A 83 -31.66 3.79 -3.41
CA VAL A 83 -30.89 4.43 -4.48
C VAL A 83 -30.00 5.47 -3.82
N ILE A 84 -28.71 5.16 -3.71
CA ILE A 84 -27.74 6.03 -3.06
C ILE A 84 -26.75 6.52 -4.10
N GLY A 85 -26.15 7.68 -3.84
CA GLY A 85 -25.14 8.22 -4.73
C GLY A 85 -24.45 9.46 -4.23
N GLY A 86 -23.16 9.58 -4.54
CA GLY A 86 -22.47 10.84 -4.33
C GLY A 86 -21.80 11.33 -5.60
N SER A 87 -22.31 12.42 -6.15
CA SER A 87 -21.81 12.93 -7.42
C SER A 87 -20.42 13.55 -7.22
N PRO A 88 -19.56 13.50 -8.24
CA PRO A 88 -18.25 14.16 -8.12
C PRO A 88 -18.41 15.65 -7.86
N CYS A 89 -17.58 16.16 -6.95
CA CYS A 89 -17.67 17.53 -6.46
C CYS A 89 -16.49 18.39 -6.88
N ASN A 90 -15.67 17.92 -7.83
CA ASN A 90 -14.52 18.71 -8.27
C ASN A 90 -14.92 19.98 -8.99
N ASP A 91 -16.14 20.04 -9.52
CA ASP A 91 -16.68 21.26 -10.12
C ASP A 91 -17.75 21.91 -9.27
N LEU A 92 -17.93 21.44 -8.03
CA LEU A 92 -18.90 22.02 -7.09
C LEU A 92 -18.26 22.54 -5.83
N SER A 93 -17.22 21.88 -5.32
CA SER A 93 -16.61 22.28 -4.06
C SER A 93 -15.86 23.59 -4.21
N ASN A 94 -15.91 24.42 -3.17
CA ASN A 94 -15.24 25.72 -3.17
C ASN A 94 -13.73 25.60 -3.13
N VAL A 95 -13.19 24.42 -2.86
CA VAL A 95 -11.74 24.23 -2.83
C VAL A 95 -11.12 24.40 -4.21
N ASN A 96 -11.90 24.19 -5.28
CA ASN A 96 -11.40 24.36 -6.63
C ASN A 96 -11.72 25.76 -7.13
N PRO A 97 -10.72 26.60 -7.40
CA PRO A 97 -11.03 27.95 -7.92
C PRO A 97 -11.65 27.92 -9.31
N ALA A 98 -11.29 26.95 -10.15
CA ALA A 98 -11.78 26.85 -11.51
C ALA A 98 -12.98 25.91 -11.63
N ARG A 99 -13.78 25.79 -10.57
CA ARG A 99 -14.94 24.92 -10.63
C ARG A 99 -15.97 25.46 -11.61
N LYS A 100 -16.65 24.55 -12.30
CA LYS A 100 -17.55 24.90 -13.39
C LYS A 100 -19.02 24.88 -12.99
N GLY A 101 -19.31 24.65 -11.71
CA GLY A 101 -20.70 24.67 -11.27
C GLY A 101 -21.44 23.38 -11.59
N LEU A 102 -22.76 23.48 -11.51
CA LEU A 102 -23.63 22.31 -11.65
C LEU A 102 -23.99 21.98 -13.08
N TYR A 103 -23.89 22.95 -14.00
CA TYR A 103 -24.37 22.76 -15.36
C TYR A 103 -23.27 22.54 -16.39
N GLU A 104 -22.00 22.63 -15.97
CA GLU A 104 -20.89 22.39 -16.87
C GLU A 104 -19.86 21.48 -16.19
N GLY A 105 -19.02 20.87 -17.01
CA GLY A 105 -17.97 20.00 -16.51
C GLY A 105 -18.50 18.72 -15.88
N THR A 106 -18.15 18.49 -14.62
CA THR A 106 -18.54 17.28 -13.91
C THR A 106 -19.76 17.47 -13.02
N GLY A 107 -20.17 18.71 -12.76
CA GLY A 107 -21.33 18.93 -11.92
C GLY A 107 -22.62 18.38 -12.51
N ARG A 108 -22.73 18.37 -13.84
CA ARG A 108 -23.95 17.90 -14.49
C ARG A 108 -24.17 16.40 -14.30
N LEU A 109 -23.20 15.67 -13.78
CA LEU A 109 -23.42 14.27 -13.43
C LEU A 109 -24.41 14.11 -12.28
N PHE A 110 -24.70 15.18 -11.55
CA PHE A 110 -25.77 15.13 -10.55
C PHE A 110 -27.09 14.75 -11.18
N PHE A 111 -27.43 15.37 -12.32
CA PHE A 111 -28.70 15.12 -12.97
C PHE A 111 -28.85 13.67 -13.40
N GLU A 112 -27.73 12.96 -13.60
CA GLU A 112 -27.82 11.52 -13.84
C GLU A 112 -28.42 10.80 -12.64
N PHE A 113 -28.03 11.21 -11.43
CA PHE A 113 -28.67 10.68 -10.23
C PHE A 113 -30.14 11.07 -10.18
N TYR A 114 -30.44 12.32 -10.55
CA TYR A 114 -31.83 12.75 -10.63
C TYR A 114 -32.60 11.96 -11.69
N HIS A 115 -31.98 11.73 -12.84
CA HIS A 115 -32.65 11.03 -13.92
C HIS A 115 -32.98 9.58 -13.54
N LEU A 116 -31.96 8.84 -13.08
CA LEU A 116 -32.17 7.43 -12.76
C LEU A 116 -32.97 7.24 -11.49
N LEU A 117 -33.10 8.26 -10.65
CA LEU A 117 -33.94 8.14 -9.46
C LEU A 117 -35.41 8.06 -9.85
N ASN A 118 -35.85 8.92 -10.78
CA ASN A 118 -37.22 8.88 -11.25
C ASN A 118 -37.53 7.58 -11.98
N TYR A 119 -36.55 7.04 -12.70
CA TYR A 119 -36.73 5.73 -13.32
C TYR A 119 -36.96 4.65 -12.25
N SER A 120 -36.23 4.72 -11.15
CA SER A 120 -36.34 3.73 -10.08
C SER A 120 -37.51 3.99 -9.15
N ARG A 121 -38.12 5.17 -9.21
CA ARG A 121 -39.20 5.50 -8.28
C ARG A 121 -40.39 4.58 -8.52
N PRO A 122 -41.03 4.07 -7.45
CA PRO A 122 -42.22 3.25 -7.64
C PRO A 122 -43.32 4.01 -8.36
N LYS A 123 -43.98 3.33 -9.30
CA LYS A 123 -45.04 3.96 -10.08
C LYS A 123 -46.20 4.34 -9.17
N GLU A 124 -47.05 5.24 -9.69
CA GLU A 124 -48.20 5.72 -8.92
C GLU A 124 -49.13 4.56 -8.58
N GLY A 125 -49.33 4.35 -7.28
CA GLY A 125 -50.09 3.22 -6.80
C GLY A 125 -49.25 2.07 -6.27
N ASP A 126 -47.98 2.32 -5.94
CA ASP A 126 -47.08 1.30 -5.41
C ASP A 126 -46.58 1.82 -4.05
N ASP A 127 -47.28 1.48 -3.00
CA ASP A 127 -46.99 1.95 -1.65
C ASP A 127 -45.89 1.15 -0.97
N ARG A 128 -45.08 0.41 -1.74
CA ARG A 128 -43.98 -0.33 -1.17
C ARG A 128 -42.91 0.64 -0.64
N PRO A 129 -42.12 0.21 0.35
CA PRO A 129 -41.08 1.10 0.89
C PRO A 129 -40.02 1.40 -0.16
N PHE A 130 -39.51 2.63 -0.13
CA PHE A 130 -38.49 3.06 -1.08
C PHE A 130 -37.74 4.24 -0.49
N PHE A 131 -36.42 4.12 -0.41
CA PHE A 131 -35.57 5.12 0.21
C PHE A 131 -34.44 5.51 -0.74
N TRP A 132 -33.97 6.74 -0.60
CA TRP A 132 -32.89 7.25 -1.44
C TRP A 132 -32.07 8.26 -0.65
N MET A 133 -30.87 8.54 -1.14
CA MET A 133 -29.97 9.47 -0.48
C MET A 133 -28.97 10.01 -1.49
N PHE A 134 -28.71 11.31 -1.41
CA PHE A 134 -27.71 11.97 -2.24
C PHE A 134 -26.81 12.80 -1.33
N GLU A 135 -25.50 12.70 -1.56
CA GLU A 135 -24.49 13.36 -0.75
C GLU A 135 -23.63 14.26 -1.63
N ASN A 136 -23.25 15.42 -1.10
CA ASN A 136 -22.32 16.30 -1.77
C ASN A 136 -21.75 17.28 -0.75
N VAL A 137 -20.82 18.12 -1.22
CA VAL A 137 -20.08 19.00 -0.31
C VAL A 137 -20.97 20.15 0.15
N VAL A 138 -20.57 20.76 1.27
CA VAL A 138 -21.23 21.96 1.75
C VAL A 138 -20.69 23.19 1.04
N ALA A 139 -19.37 23.23 0.79
CA ALA A 139 -18.74 24.40 0.20
C ALA A 139 -19.11 24.49 -1.28
N MET A 140 -20.34 24.90 -1.55
CA MET A 140 -20.94 24.83 -2.87
C MET A 140 -21.75 26.08 -3.12
N LYS A 141 -21.71 26.56 -4.36
CA LYS A 141 -22.46 27.76 -4.75
C LYS A 141 -23.92 27.67 -4.29
N VAL A 142 -24.45 28.79 -3.82
CA VAL A 142 -25.83 28.83 -3.33
C VAL A 142 -26.79 28.49 -4.46
N GLY A 143 -26.49 28.90 -5.69
CA GLY A 143 -27.32 28.52 -6.82
C GLY A 143 -27.32 27.02 -7.07
N ASP A 144 -26.18 26.37 -6.83
CA ASP A 144 -26.11 24.92 -7.00
C ASP A 144 -26.90 24.21 -5.91
N LYS A 145 -26.72 24.61 -4.65
CA LYS A 145 -27.47 24.00 -3.56
C LYS A 145 -28.97 24.24 -3.74
N ARG A 146 -29.33 25.41 -4.26
CA ARG A 146 -30.74 25.69 -4.54
C ARG A 146 -31.29 24.75 -5.60
N ASP A 147 -30.62 24.66 -6.75
CA ASP A 147 -31.14 23.89 -7.86
C ASP A 147 -31.17 22.40 -7.54
N ILE A 148 -30.15 21.89 -6.85
CA ILE A 148 -30.12 20.48 -6.47
C ILE A 148 -31.33 20.16 -5.59
N SER A 149 -31.66 21.05 -4.65
CA SER A 149 -32.82 20.84 -3.79
C SER A 149 -34.11 20.90 -4.58
N ARG A 150 -34.13 21.62 -5.71
CA ARG A 150 -35.34 21.71 -6.52
C ARG A 150 -35.54 20.43 -7.33
N PHE A 151 -34.49 19.92 -7.96
CA PHE A 151 -34.61 18.71 -8.75
C PHE A 151 -34.93 17.50 -7.88
N LEU A 152 -34.43 17.47 -6.65
CA LEU A 152 -34.75 16.40 -5.72
C LEU A 152 -35.98 16.68 -4.89
N GLU A 153 -36.54 17.90 -4.96
CA GLU A 153 -37.75 18.27 -4.24
C GLU A 153 -37.61 18.01 -2.75
N CYS A 154 -36.44 18.35 -2.21
CA CYS A 154 -36.12 18.07 -0.82
C CYS A 154 -34.95 18.95 -0.39
N ASN A 155 -34.91 19.27 0.89
CA ASN A 155 -33.82 20.09 1.39
C ASN A 155 -32.80 19.24 2.14
N PRO A 156 -31.52 19.59 2.07
CA PRO A 156 -30.48 18.74 2.65
C PRO A 156 -30.36 18.93 4.16
N VAL A 157 -29.68 17.97 4.77
CA VAL A 157 -29.32 18.03 6.18
C VAL A 157 -27.81 17.83 6.28
N MET A 158 -27.13 18.77 6.92
CA MET A 158 -25.68 18.70 7.04
C MET A 158 -25.29 17.84 8.23
N ILE A 159 -24.39 16.89 7.99
CA ILE A 159 -23.86 16.01 9.04
C ILE A 159 -22.34 16.06 8.93
N ASP A 160 -21.70 16.77 9.87
CA ASP A 160 -20.25 16.84 9.89
C ASP A 160 -19.68 15.60 10.55
N ALA A 161 -18.71 14.96 9.89
CA ALA A 161 -18.09 13.76 10.43
C ALA A 161 -17.28 14.04 11.69
N ILE A 162 -17.13 15.31 12.08
CA ILE A 162 -16.38 15.67 13.27
C ILE A 162 -17.01 15.08 14.53
N LYS A 163 -18.31 14.78 14.49
CA LYS A 163 -19.00 14.26 15.66
C LYS A 163 -18.78 12.77 15.87
N VAL A 164 -18.38 12.03 14.84
CA VAL A 164 -18.23 10.58 14.92
C VAL A 164 -16.90 10.09 14.38
N SER A 165 -16.06 10.97 13.87
CA SER A 165 -14.74 10.61 13.37
C SER A 165 -13.72 11.60 13.93
N ALA A 166 -12.47 11.45 13.48
CA ALA A 166 -11.38 12.31 13.91
C ALA A 166 -11.10 13.44 12.92
N ALA A 167 -12.01 13.68 11.97
CA ALA A 167 -11.73 14.62 10.89
C ALA A 167 -12.92 15.53 10.64
N HIS A 168 -12.62 16.76 10.24
CA HIS A 168 -13.64 17.64 9.70
C HIS A 168 -14.16 17.06 8.38
N ARG A 169 -15.47 16.84 8.28
CA ARG A 169 -16.06 16.56 6.97
C ARG A 169 -17.52 17.03 7.01
N ALA A 170 -17.75 18.25 6.54
CA ALA A 170 -19.11 18.81 6.50
C ALA A 170 -19.72 18.49 5.14
N ARG A 171 -20.80 17.71 5.14
CA ARG A 171 -21.42 17.24 3.93
C ARG A 171 -22.93 17.41 3.98
N TYR A 172 -23.51 17.71 2.82
CA TYR A 172 -24.96 17.79 2.66
C TYR A 172 -25.52 16.41 2.34
N PHE A 173 -26.74 16.15 2.82
CA PHE A 173 -27.39 14.85 2.64
C PHE A 173 -28.86 15.05 2.31
N TRP A 174 -29.16 15.09 1.01
CA TRP A 174 -30.55 14.97 0.56
C TRP A 174 -31.01 13.53 0.70
N GLY A 175 -32.29 13.37 1.02
CA GLY A 175 -32.84 12.03 1.07
C GLY A 175 -34.18 12.01 1.76
N ASN A 176 -34.72 10.79 1.85
CA ASN A 176 -35.98 10.52 2.54
C ASN A 176 -35.82 9.41 3.58
N LEU A 177 -34.60 9.19 4.05
CA LEU A 177 -34.35 8.14 5.03
C LEU A 177 -35.02 8.49 6.36
N PRO A 178 -35.44 7.48 7.12
CA PRO A 178 -36.03 7.75 8.44
C PRO A 178 -35.03 8.42 9.37
N GLY A 179 -35.45 9.50 10.00
CA GLY A 179 -34.62 10.20 10.97
C GLY A 179 -33.27 10.62 10.45
N MET A 180 -33.25 11.56 9.51
CA MET A 180 -31.98 12.15 9.08
C MET A 180 -31.66 13.43 9.83
N ASN A 181 -32.68 14.23 10.18
CA ASN A 181 -32.49 15.42 10.99
C ASN A 181 -32.22 15.11 12.45
N ARG A 182 -32.29 13.84 12.85
CA ARG A 182 -32.09 13.48 14.24
C ARG A 182 -30.67 13.84 14.70
N PRO A 183 -30.49 14.10 16.00
CA PRO A 183 -29.15 14.43 16.50
C PRO A 183 -28.19 13.27 16.32
N VAL A 184 -27.00 13.59 15.80
CA VAL A 184 -25.96 12.59 15.59
C VAL A 184 -25.29 12.29 16.93
N ILE A 185 -25.25 11.00 17.28
CA ILE A 185 -24.67 10.55 18.54
C ILE A 185 -23.48 9.66 18.24
N ALA A 186 -22.45 9.74 19.09
CA ALA A 186 -21.28 8.91 18.92
C ALA A 186 -21.55 7.49 19.41
N SER A 187 -20.81 6.54 18.83
CA SER A 187 -20.94 5.14 19.19
C SER A 187 -19.79 4.71 20.09
N LYS A 188 -19.92 3.50 20.63
CA LYS A 188 -18.88 2.96 21.52
C LYS A 188 -17.60 2.64 20.78
N ASN A 189 -17.67 2.37 19.47
CA ASN A 189 -16.52 1.94 18.70
C ASN A 189 -16.02 3.00 17.73
N ASP A 190 -16.47 4.24 17.86
CA ASP A 190 -16.03 5.32 16.98
C ASP A 190 -14.71 5.91 17.50
N LYS A 191 -13.67 5.85 16.67
CA LYS A 191 -12.38 6.44 17.01
C LYS A 191 -12.49 7.94 16.84
N LEU A 192 -12.70 8.66 17.95
CA LEU A 192 -13.12 10.05 17.88
C LEU A 192 -11.97 11.02 17.67
N GLU A 193 -10.78 10.72 18.17
CA GLU A 193 -9.65 11.63 18.01
C GLU A 193 -8.46 10.92 17.37
N LEU A 194 -7.60 11.74 16.76
CA LEU A 194 -6.58 11.25 15.84
C LEU A 194 -5.70 10.17 16.47
N GLN A 195 -5.44 10.28 17.78
CA GLN A 195 -4.56 9.31 18.42
C GLN A 195 -5.14 7.90 18.38
N ASP A 196 -6.47 7.79 18.31
CA ASP A 196 -7.11 6.47 18.22
C ASP A 196 -6.90 5.83 16.86
N CYS A 197 -6.58 6.61 15.83
CA CYS A 197 -6.42 6.11 14.49
C CYS A 197 -4.97 5.80 14.11
N LEU A 198 -4.01 6.26 14.92
CA LEU A 198 -2.60 6.09 14.57
C LEU A 198 -2.13 4.68 14.91
N GLU A 199 -0.93 4.36 14.41
CA GLU A 199 -0.30 3.08 14.66
C GLU A 199 0.48 3.13 15.98
N TYR A 200 1.11 2.02 16.33
CA TYR A 200 1.96 1.97 17.50
C TYR A 200 3.17 2.90 17.30
N ASN A 201 3.65 3.46 18.40
CA ASN A 201 4.84 4.30 18.42
C ASN A 201 4.66 5.58 17.59
N ARG A 202 3.42 6.06 17.48
CA ARG A 202 3.12 7.30 16.78
C ARG A 202 2.27 8.19 17.67
N ILE A 203 2.59 9.48 17.71
CA ILE A 203 1.93 10.45 18.56
C ILE A 203 1.18 11.45 17.69
N ALA A 204 -0.03 11.80 18.10
CA ALA A 204 -0.86 12.74 17.35
C ALA A 204 -0.68 14.15 17.91
N LYS A 205 -0.32 15.10 17.03
CA LYS A 205 -0.20 16.48 17.46
C LYS A 205 -1.56 17.08 17.79
N LEU A 206 -2.55 16.82 16.95
CA LEU A 206 -3.89 17.37 17.14
C LEU A 206 -4.85 16.28 17.58
N LYS A 207 -5.98 16.70 18.12
CA LYS A 207 -7.06 15.78 18.44
C LYS A 207 -7.97 15.54 17.24
N LYS A 208 -8.05 16.49 16.31
CA LYS A 208 -8.92 16.35 15.15
C LYS A 208 -8.30 17.06 13.96
N VAL A 209 -8.29 16.37 12.81
CA VAL A 209 -7.62 16.87 11.63
C VAL A 209 -8.63 17.62 10.74
N GLN A 210 -8.11 18.49 9.89
CA GLN A 210 -8.96 19.22 8.96
C GLN A 210 -9.46 18.29 7.87
N THR A 211 -10.38 18.81 7.05
CA THR A 211 -11.00 18.00 5.99
C THR A 211 -9.95 17.41 5.07
N ILE A 212 -10.08 16.11 4.80
CA ILE A 212 -9.13 15.38 3.98
C ILE A 212 -9.63 15.36 2.55
N THR A 213 -8.84 15.90 1.63
CA THR A 213 -9.13 15.86 0.21
C THR A 213 -8.27 14.78 -0.46
N THR A 214 -8.30 14.73 -1.79
CA THR A 214 -7.48 13.78 -2.52
C THR A 214 -6.01 14.19 -2.59
N LYS A 215 -5.72 15.48 -2.44
CA LYS A 215 -4.34 15.96 -2.54
C LYS A 215 -3.61 15.79 -1.21
N SER A 216 -2.29 15.64 -1.30
CA SER A 216 -1.47 15.43 -0.11
C SER A 216 -1.37 16.66 0.78
N ASN A 217 -1.77 17.84 0.29
CA ASN A 217 -1.62 19.05 1.09
C ASN A 217 -2.61 19.11 2.25
N SER A 218 -3.75 18.44 2.11
CA SER A 218 -4.77 18.47 3.16
C SER A 218 -4.38 17.66 4.39
N ILE A 219 -3.29 16.88 4.31
CA ILE A 219 -2.80 16.18 5.51
C ILE A 219 -2.03 17.13 6.40
N LYS A 220 -1.30 18.06 5.81
CA LYS A 220 -0.60 19.08 6.58
C LYS A 220 -1.60 20.09 7.13
N GLN A 221 -1.65 20.22 8.44
CA GLN A 221 -2.71 20.95 9.12
C GLN A 221 -2.41 22.44 9.24
N GLY A 222 -3.46 23.21 9.45
CA GLY A 222 -3.34 24.64 9.70
C GLY A 222 -2.89 25.42 8.48
N LYS A 223 -2.67 26.72 8.69
CA LYS A 223 -2.16 27.61 7.67
C LYS A 223 -0.64 27.64 7.63
N ASN A 224 0.03 26.94 8.56
CA ASN A 224 1.48 26.81 8.55
C ASN A 224 1.93 25.39 8.24
N GLN A 225 1.04 24.57 7.68
CA GLN A 225 1.37 23.27 7.07
C GLN A 225 2.22 22.40 8.00
N LEU A 226 1.64 22.05 9.15
CA LEU A 226 2.33 21.21 10.12
C LEU A 226 2.07 19.74 9.84
N PHE A 227 3.09 18.91 10.03
CA PHE A 227 2.91 17.47 9.94
C PHE A 227 2.11 16.99 11.14
N PRO A 228 1.02 16.25 10.94
CA PRO A 228 0.10 15.96 12.06
C PRO A 228 0.60 14.90 13.03
N VAL A 229 1.69 14.20 12.75
CA VAL A 229 2.11 13.05 13.52
C VAL A 229 3.59 13.16 13.85
N VAL A 230 3.97 12.73 15.05
CA VAL A 230 5.36 12.64 15.47
C VAL A 230 5.70 11.17 15.68
N MET A 231 6.81 10.72 15.08
CA MET A 231 7.29 9.36 15.28
C MET A 231 8.80 9.39 15.50
N ASN A 232 9.24 8.78 16.61
CA ASN A 232 10.65 8.76 16.97
C ASN A 232 11.22 10.18 17.05
N GLY A 233 10.40 11.12 17.49
CA GLY A 233 10.81 12.51 17.53
C GLY A 233 11.05 13.12 16.17
N LYS A 234 10.29 12.70 15.16
CA LYS A 234 10.38 13.26 13.82
C LYS A 234 8.99 13.48 13.27
N GLU A 235 8.78 14.63 12.63
CA GLU A 235 7.49 14.93 12.04
C GLU A 235 7.23 14.01 10.85
N ASP A 236 5.99 13.52 10.77
CA ASP A 236 5.61 12.62 9.70
C ASP A 236 4.14 12.79 9.39
N VAL A 237 3.78 12.49 8.14
CA VAL A 237 2.40 12.57 7.66
C VAL A 237 1.65 11.30 8.05
N LEU A 238 0.33 11.32 7.87
CA LEU A 238 -0.50 10.15 8.15
C LEU A 238 -0.17 9.00 7.21
N TRP A 239 -0.37 7.79 7.70
CA TRP A 239 -0.25 6.58 6.90
C TRP A 239 -1.61 6.20 6.33
N CYS A 240 -1.57 5.41 5.25
CA CYS A 240 -2.80 5.00 4.57
C CYS A 240 -3.74 4.27 5.52
N THR A 241 -3.21 3.32 6.29
CA THR A 241 -4.03 2.62 7.27
C THR A 241 -4.62 3.56 8.31
N GLU A 242 -3.92 4.67 8.60
CA GLU A 242 -4.45 5.66 9.54
C GLU A 242 -5.55 6.49 8.89
N LEU A 243 -5.36 6.90 7.63
CA LEU A 243 -6.43 7.56 6.89
C LEU A 243 -7.68 6.70 6.85
N GLU A 244 -7.52 5.39 6.69
CA GLU A 244 -8.66 4.48 6.69
C GLU A 244 -9.40 4.52 8.02
N ARG A 245 -8.66 4.45 9.13
CA ARG A 245 -9.29 4.51 10.44
C ARG A 245 -9.96 5.85 10.69
N ILE A 246 -9.40 6.93 10.13
CA ILE A 246 -10.03 8.24 10.26
C ILE A 246 -11.40 8.25 9.58
N PHE A 247 -11.48 7.68 8.38
CA PHE A 247 -12.73 7.62 7.64
C PHE A 247 -13.69 6.56 8.15
N GLY A 248 -13.23 5.66 9.02
CA GLY A 248 -14.07 4.59 9.52
C GLY A 248 -14.06 3.32 8.71
N PHE A 249 -13.27 3.26 7.65
CA PHE A 249 -13.15 2.04 6.87
C PHE A 249 -12.34 1.01 7.65
N PRO A 250 -12.49 -0.28 7.32
CA PRO A 250 -11.62 -1.28 7.92
C PRO A 250 -10.17 -1.04 7.52
N VAL A 251 -9.25 -1.52 8.37
CA VAL A 251 -7.83 -1.38 8.08
C VAL A 251 -7.49 -2.18 6.83
N HIS A 252 -6.57 -1.63 6.02
CA HIS A 252 -6.13 -2.24 4.77
C HIS A 252 -7.27 -2.39 3.77
N TYR A 253 -8.31 -1.56 3.88
CA TYR A 253 -9.44 -1.62 2.96
C TYR A 253 -9.02 -1.23 1.54
N THR A 254 -8.09 -0.28 1.41
CA THR A 254 -7.61 0.16 0.10
C THR A 254 -6.24 -0.40 -0.25
N ASP A 255 -5.87 -1.53 0.35
CA ASP A 255 -4.63 -2.21 -0.03
C ASP A 255 -4.92 -3.15 -1.21
N VAL A 256 -5.25 -2.52 -2.34
CA VAL A 256 -5.65 -3.22 -3.54
C VAL A 256 -4.86 -2.66 -4.72
N SER A 257 -4.66 -3.50 -5.74
CA SER A 257 -4.19 -3.08 -7.06
C SER A 257 -2.86 -2.35 -6.99
N ASN A 258 -1.98 -2.80 -6.09
CA ASN A 258 -0.63 -2.23 -5.93
C ASN A 258 -0.67 -0.72 -5.73
N MET A 259 -1.76 -0.23 -5.14
CA MET A 259 -1.90 1.20 -4.94
C MET A 259 -0.91 1.70 -3.89
N GLY A 260 -0.25 2.81 -4.19
CA GLY A 260 0.63 3.47 -3.26
C GLY A 260 -0.12 4.48 -2.42
N ARG A 261 0.64 5.36 -1.76
CA ARG A 261 0.05 6.37 -0.89
C ARG A 261 -0.88 7.28 -1.68
N GLY A 262 -0.40 7.84 -2.80
CA GLY A 262 -1.18 8.82 -3.53
C GLY A 262 -2.51 8.28 -3.99
N ALA A 263 -2.52 7.09 -4.58
CA ALA A 263 -3.75 6.52 -5.11
C ALA A 263 -4.76 6.25 -3.99
N ARG A 264 -4.28 5.69 -2.87
CA ARG A 264 -5.19 5.33 -1.78
C ARG A 264 -5.81 6.56 -1.14
N GLN A 265 -5.06 7.66 -1.03
CA GLN A 265 -5.63 8.89 -0.51
C GLN A 265 -6.63 9.48 -1.49
N LYS A 266 -6.42 9.29 -2.79
CA LYS A 266 -7.37 9.79 -3.79
C LYS A 266 -8.73 9.11 -3.64
N LEU A 267 -8.73 7.79 -3.39
CA LEU A 267 -9.99 7.09 -3.22
C LEU A 267 -10.65 7.46 -1.89
N LEU A 268 -9.86 7.63 -0.83
CA LEU A 268 -10.42 7.96 0.46
C LEU A 268 -10.89 9.41 0.53
N GLY A 269 -10.17 10.32 -0.13
CA GLY A 269 -10.57 11.72 -0.11
C GLY A 269 -11.96 11.94 -0.68
N ARG A 270 -12.37 11.12 -1.66
CA ARG A 270 -13.70 11.25 -2.25
C ARG A 270 -14.76 10.55 -1.41
N SER A 271 -14.37 9.62 -0.54
CA SER A 271 -15.32 8.68 0.02
C SER A 271 -16.22 9.35 1.06
N TRP A 272 -17.09 8.53 1.65
CA TRP A 272 -17.96 8.94 2.73
C TRP A 272 -17.36 8.56 4.07
N SER A 273 -17.66 9.35 5.09
CA SER A 273 -17.32 8.96 6.45
C SER A 273 -18.23 7.80 6.85
N VAL A 274 -17.64 6.63 7.05
CA VAL A 274 -18.43 5.42 7.35
C VAL A 274 -19.36 5.62 8.55
N PRO A 275 -18.92 6.16 9.69
CA PRO A 275 -19.85 6.30 10.82
C PRO A 275 -20.99 7.27 10.55
N VAL A 276 -20.80 8.23 9.64
CA VAL A 276 -21.90 9.10 9.23
C VAL A 276 -22.93 8.31 8.44
N ILE A 277 -22.46 7.51 7.48
CA ILE A 277 -23.38 6.72 6.66
C ILE A 277 -24.11 5.68 7.50
N ARG A 278 -23.41 5.08 8.46
CA ARG A 278 -24.06 4.16 9.38
C ARG A 278 -25.19 4.84 10.13
N HIS A 279 -24.96 6.09 10.55
CA HIS A 279 -26.01 6.87 11.21
C HIS A 279 -27.22 7.03 10.29
N LEU A 280 -26.97 7.26 8.99
CA LEU A 280 -28.08 7.44 8.05
C LEU A 280 -28.78 6.13 7.74
N PHE A 281 -28.03 5.06 7.53
CA PHE A 281 -28.61 3.78 7.13
C PHE A 281 -29.11 2.96 8.30
N ALA A 282 -28.83 3.37 9.54
CA ALA A 282 -29.24 2.61 10.71
C ALA A 282 -30.74 2.30 10.76
N PRO A 283 -31.65 3.26 10.51
CA PRO A 283 -33.08 2.92 10.62
C PRO A 283 -33.62 2.09 9.48
N LEU A 284 -32.76 1.63 8.58
CA LEU A 284 -33.20 0.74 7.52
C LEU A 284 -33.35 -0.71 8.00
N LYS A 285 -32.77 -1.05 9.15
CA LYS A 285 -32.86 -2.41 9.66
C LYS A 285 -34.30 -2.80 9.95
N ASP A 286 -35.18 -1.83 10.23
CA ASP A 286 -36.58 -2.07 10.53
C ASP A 286 -37.44 -2.14 9.27
N TYR A 287 -36.82 -2.28 8.10
CA TYR A 287 -37.55 -2.42 6.84
C TYR A 287 -37.03 -3.54 5.96
N PHE A 288 -35.91 -4.18 6.32
CA PHE A 288 -35.32 -5.21 5.48
C PHE A 288 -34.76 -6.32 6.36
N ALA A 289 -34.52 -7.48 5.74
CA ALA A 289 -34.11 -8.66 6.47
C ALA A 289 -32.72 -8.49 7.06
N CYS A 290 -32.42 -9.28 8.09
CA CYS A 290 -31.18 -9.22 8.81
C CYS A 290 -30.45 -10.55 8.70
N GLU A 291 -29.16 -10.54 9.05
CA GLU A 291 -28.34 -11.74 9.05
C GLU A 291 -27.15 -11.58 9.99
N PHE B 2 -52.18 6.93 -28.77
CA PHE B 2 -52.69 8.21 -29.27
C PHE B 2 -53.81 8.02 -30.29
N GLU B 3 -55.00 7.70 -29.80
CA GLU B 3 -56.16 7.55 -30.67
C GLU B 3 -56.66 8.92 -31.11
N THR B 4 -57.14 8.99 -32.35
CA THR B 4 -57.69 10.23 -32.87
C THR B 4 -59.03 10.53 -32.19
N VAL B 5 -59.29 11.80 -31.95
CA VAL B 5 -60.46 12.25 -31.20
C VAL B 5 -61.43 12.90 -32.18
N PRO B 6 -62.73 12.57 -32.12
CA PRO B 6 -63.70 13.20 -33.02
C PRO B 6 -63.77 14.71 -32.79
N VAL B 7 -64.16 15.43 -33.85
CA VAL B 7 -64.09 16.88 -33.86
C VAL B 7 -65.07 17.49 -32.86
N TRP B 8 -66.21 16.84 -32.63
CA TRP B 8 -67.25 17.42 -31.79
C TRP B 8 -66.92 17.40 -30.30
N ARG B 9 -65.77 16.83 -29.90
CA ARG B 9 -65.38 16.80 -28.49
C ARG B 9 -63.93 17.25 -28.31
N ARG B 10 -63.35 17.93 -29.30
CA ARG B 10 -61.96 18.37 -29.22
C ARG B 10 -61.88 19.65 -28.38
N GLN B 11 -61.36 19.52 -27.17
CA GLN B 11 -61.24 20.65 -26.27
C GLN B 11 -60.07 21.55 -26.69
N PRO B 12 -60.09 22.81 -26.27
CA PRO B 12 -58.96 23.70 -26.59
C PRO B 12 -57.72 23.34 -25.79
N VAL B 13 -56.56 23.63 -26.38
CA VAL B 13 -55.29 23.29 -25.75
C VAL B 13 -55.11 24.05 -24.44
N ARG B 14 -54.45 23.40 -23.49
CA ARG B 14 -53.96 24.04 -22.26
C ARG B 14 -52.43 23.96 -22.33
N VAL B 15 -51.81 25.05 -22.76
CA VAL B 15 -50.40 25.07 -23.13
C VAL B 15 -49.57 25.67 -21.99
N LEU B 16 -48.41 25.08 -21.76
CA LEU B 16 -47.38 25.63 -20.88
C LEU B 16 -46.17 25.94 -21.74
N SER B 17 -45.86 27.22 -21.90
CA SER B 17 -44.74 27.69 -22.70
C SER B 17 -43.68 28.25 -21.76
N LEU B 18 -42.48 27.66 -21.79
CA LEU B 18 -41.38 28.10 -20.95
C LEU B 18 -40.16 28.44 -21.79
N PHE B 19 -39.50 29.52 -21.37
CA PHE B 19 -38.32 30.20 -21.91
C PHE B 19 -38.60 31.01 -23.18
N GLU B 20 -39.67 30.68 -23.90
CA GLU B 20 -39.97 31.33 -25.17
C GLU B 20 -41.47 31.23 -25.39
N ASP B 21 -42.11 32.39 -25.54
CA ASP B 21 -43.56 32.47 -25.58
C ASP B 21 -44.03 32.39 -27.02
N ILE B 22 -44.99 31.50 -27.28
CA ILE B 22 -45.45 31.22 -28.62
C ILE B 22 -46.95 31.45 -28.77
N LYS B 23 -47.58 32.19 -27.85
CA LYS B 23 -49.00 32.49 -27.98
C LYS B 23 -49.32 33.10 -29.32
N LYS B 24 -48.45 34.00 -29.80
CA LYS B 24 -48.63 34.56 -31.15
C LYS B 24 -48.60 33.48 -32.21
N GLU B 25 -47.82 32.41 -31.99
CA GLU B 25 -47.78 31.32 -32.95
C GLU B 25 -49.06 30.47 -32.88
N LEU B 26 -49.43 30.04 -31.68
CA LEU B 26 -50.59 29.16 -31.54
C LEU B 26 -51.89 29.88 -31.85
N THR B 27 -51.94 31.19 -31.62
CA THR B 27 -53.13 31.95 -32.04
C THR B 27 -53.17 32.08 -33.55
N SER B 28 -52.03 32.32 -34.19
CA SER B 28 -51.98 32.43 -35.65
C SER B 28 -52.42 31.12 -36.29
N LEU B 29 -51.86 30.00 -35.83
CA LEU B 29 -52.29 28.70 -36.34
C LEU B 29 -53.70 28.37 -35.89
N GLY B 30 -54.12 28.88 -34.74
CA GLY B 30 -55.50 28.75 -34.32
C GLY B 30 -55.79 27.64 -33.32
N PHE B 31 -54.93 27.50 -32.32
CA PHE B 31 -55.21 26.64 -31.18
C PHE B 31 -55.69 27.41 -29.97
N LEU B 32 -55.56 28.75 -30.00
CA LEU B 32 -55.92 29.62 -28.89
C LEU B 32 -56.94 30.65 -29.38
N GLU B 33 -58.01 30.85 -28.60
CA GLU B 33 -59.20 31.59 -29.04
C GLU B 33 -59.15 33.04 -28.59
N SER B 34 -59.49 33.93 -29.52
CA SER B 34 -59.24 35.36 -29.44
C SER B 34 -59.64 36.00 -28.12
N GLY B 35 -60.93 35.92 -27.77
CA GLY B 35 -61.46 36.54 -26.56
C GLY B 35 -61.01 35.74 -25.36
N SER B 36 -59.70 35.73 -25.12
CA SER B 36 -59.06 34.68 -24.35
C SER B 36 -59.41 34.68 -22.87
N ASP B 37 -60.23 35.62 -22.42
CA ASP B 37 -59.97 36.34 -21.17
C ASP B 37 -59.21 35.54 -20.10
N PRO B 38 -59.65 34.37 -19.63
CA PRO B 38 -58.67 33.56 -18.86
C PRO B 38 -57.83 32.69 -19.79
N GLY B 39 -56.54 32.94 -19.81
CA GLY B 39 -55.67 32.34 -20.81
C GLY B 39 -55.61 30.83 -20.70
N GLN B 40 -55.29 30.19 -21.83
CA GLN B 40 -54.97 28.76 -21.87
C GLN B 40 -53.51 28.54 -22.21
N LEU B 41 -52.65 29.52 -21.93
CA LEU B 41 -51.22 29.42 -22.21
C LEU B 41 -50.48 30.16 -21.11
N LYS B 42 -49.81 29.43 -20.24
CA LYS B 42 -48.98 30.02 -19.20
C LYS B 42 -47.54 30.15 -19.68
N HIS B 43 -46.92 31.29 -19.41
CA HIS B 43 -45.58 31.60 -19.89
C HIS B 43 -44.71 32.01 -18.72
N VAL B 44 -43.65 31.25 -18.46
CA VAL B 44 -42.67 31.54 -17.41
C VAL B 44 -41.29 31.54 -18.03
N VAL B 45 -40.42 32.44 -17.55
CA VAL B 45 -39.11 32.60 -18.15
C VAL B 45 -38.03 31.90 -17.33
N ASP B 46 -37.86 32.30 -16.07
CA ASP B 46 -36.85 31.72 -15.19
C ASP B 46 -37.57 30.87 -14.15
N VAL B 47 -37.55 29.56 -14.38
CA VAL B 47 -38.35 28.61 -13.60
C VAL B 47 -37.61 28.17 -12.34
N THR B 48 -36.47 28.81 -12.04
CA THR B 48 -35.60 28.35 -10.97
C THR B 48 -36.33 28.20 -9.64
N ASP B 49 -37.36 29.02 -9.40
CA ASP B 49 -38.09 29.02 -8.13
C ASP B 49 -39.52 28.53 -8.29
N THR B 50 -39.75 27.57 -9.20
CA THR B 50 -41.06 26.98 -9.40
C THR B 50 -41.09 25.57 -8.82
N VAL B 51 -42.19 25.23 -8.18
CA VAL B 51 -42.35 23.96 -7.49
C VAL B 51 -43.42 23.15 -8.20
N ARG B 52 -43.48 21.85 -7.89
CA ARG B 52 -44.53 20.98 -8.43
C ARG B 52 -45.91 21.54 -8.11
N LYS B 53 -46.09 22.09 -6.91
CA LYS B 53 -47.37 22.67 -6.55
C LYS B 53 -47.74 23.82 -7.48
N ASP B 54 -46.75 24.59 -7.92
CA ASP B 54 -47.01 25.68 -8.86
C ASP B 54 -47.59 25.15 -10.17
N VAL B 55 -46.96 24.12 -10.73
CA VAL B 55 -47.43 23.56 -12.00
C VAL B 55 -48.80 22.94 -11.82
N GLU B 56 -49.01 22.21 -10.72
CA GLU B 56 -50.32 21.61 -10.45
C GLU B 56 -51.38 22.68 -10.22
N GLU B 57 -51.00 23.78 -9.57
CA GLU B 57 -51.93 24.88 -9.34
C GLU B 57 -52.38 25.51 -10.66
N TRP B 58 -51.49 25.53 -11.65
CA TRP B 58 -51.77 26.17 -12.92
C TRP B 58 -52.67 25.32 -13.82
N GLY B 59 -53.29 24.31 -13.24
CA GLY B 59 -54.25 23.49 -13.95
C GLY B 59 -53.60 22.43 -14.79
N PRO B 60 -54.35 21.37 -15.10
CA PRO B 60 -53.80 20.33 -15.99
C PRO B 60 -53.42 20.91 -17.34
N PHE B 61 -52.31 20.44 -17.87
CA PHE B 61 -51.80 20.91 -19.15
C PHE B 61 -51.90 19.83 -20.21
N ASP B 62 -52.14 20.26 -21.45
CA ASP B 62 -52.19 19.36 -22.59
C ASP B 62 -50.95 19.44 -23.47
N LEU B 63 -50.18 20.53 -23.37
CA LEU B 63 -48.96 20.69 -24.15
C LEU B 63 -47.93 21.43 -23.32
N VAL B 64 -46.70 20.92 -23.31
CA VAL B 64 -45.59 21.55 -22.60
C VAL B 64 -44.50 21.83 -23.62
N TYR B 65 -44.27 23.12 -23.90
CA TYR B 65 -43.32 23.54 -24.92
C TYR B 65 -42.01 24.01 -24.27
N GLY B 66 -40.90 23.64 -24.88
CA GLY B 66 -39.60 24.06 -24.42
C GLY B 66 -38.77 24.57 -25.58
N ALA B 67 -37.95 25.58 -25.29
CA ALA B 67 -37.14 26.20 -26.34
C ALA B 67 -35.94 26.88 -25.72
N THR B 68 -34.84 26.90 -26.49
CA THR B 68 -33.61 27.60 -26.14
C THR B 68 -33.56 28.96 -26.81
N PRO B 69 -32.83 29.92 -26.25
CA PRO B 69 -32.71 31.24 -26.88
C PRO B 69 -32.09 31.12 -28.26
N PRO B 70 -32.68 31.76 -29.28
CA PRO B 70 -32.20 31.56 -30.65
C PRO B 70 -31.00 32.42 -31.03
N LEU B 71 -29.81 31.81 -31.18
CA LEU B 71 -28.63 32.45 -31.75
C LEU B 71 -28.31 33.76 -31.04
N GLY B 72 -28.52 33.79 -29.73
CA GLY B 72 -28.31 34.98 -28.92
C GLY B 72 -27.09 34.83 -28.02
N HIS B 73 -26.40 35.95 -27.80
CA HIS B 73 -25.34 35.99 -26.81
C HIS B 73 -25.83 36.46 -25.44
N THR B 74 -27.00 37.09 -25.39
CA THR B 74 -27.57 37.59 -24.14
C THR B 74 -28.25 36.45 -23.38
N CYS B 75 -27.43 35.47 -22.98
CA CYS B 75 -27.88 34.31 -22.22
C CYS B 75 -27.11 34.28 -20.91
N ASP B 76 -27.79 34.53 -19.80
CA ASP B 76 -27.15 34.40 -18.50
C ASP B 76 -26.96 32.94 -18.13
N ARG B 77 -27.82 32.04 -18.65
CA ARG B 77 -27.85 30.63 -18.33
C ARG B 77 -26.92 29.84 -19.24
N PRO B 78 -26.31 28.77 -18.73
CA PRO B 78 -25.60 27.84 -19.60
C PRO B 78 -26.58 27.13 -20.51
N PRO B 79 -26.14 26.65 -21.68
CA PRO B 79 -27.08 26.01 -22.61
C PRO B 79 -27.81 24.82 -22.03
N SER B 80 -27.11 23.95 -21.30
CA SER B 80 -27.75 22.76 -20.73
C SER B 80 -28.82 23.12 -19.70
N TRP B 81 -28.73 24.30 -19.10
CA TRP B 81 -29.69 24.68 -18.05
C TRP B 81 -31.12 24.67 -18.57
N TYR B 82 -31.32 25.07 -19.83
CA TYR B 82 -32.67 25.09 -20.40
C TYR B 82 -33.24 23.68 -20.54
N LEU B 83 -32.39 22.68 -20.75
CA LEU B 83 -32.86 21.31 -20.90
C LEU B 83 -33.24 20.71 -19.55
N PHE B 84 -32.32 20.78 -18.57
CA PHE B 84 -32.57 20.15 -17.27
C PHE B 84 -33.79 20.75 -16.60
N GLN B 85 -33.96 22.08 -16.69
CA GLN B 85 -35.13 22.71 -16.10
C GLN B 85 -36.40 22.34 -16.86
N PHE B 86 -36.30 22.19 -18.19
CA PHE B 86 -37.45 21.73 -18.96
C PHE B 86 -37.84 20.31 -18.56
N HIS B 87 -36.85 19.44 -18.37
CA HIS B 87 -37.15 18.07 -17.95
C HIS B 87 -37.75 18.03 -16.57
N ARG B 88 -37.37 18.95 -15.69
CA ARG B 88 -37.87 18.95 -14.32
C ARG B 88 -39.34 19.31 -14.27
N LEU B 89 -39.71 20.44 -14.89
CA LEU B 89 -41.11 20.85 -14.90
C LEU B 89 -41.99 19.88 -15.67
N LEU B 90 -41.42 19.19 -16.66
CA LEU B 90 -42.22 18.25 -17.45
C LEU B 90 -42.81 17.15 -16.59
N GLN B 91 -42.02 16.59 -15.66
CA GLN B 91 -42.54 15.57 -14.77
C GLN B 91 -43.61 16.12 -13.84
N TYR B 92 -43.60 17.42 -13.56
CA TYR B 92 -44.65 18.02 -12.75
C TYR B 92 -45.97 18.16 -13.53
N ALA B 93 -45.90 18.23 -14.86
CA ALA B 93 -47.08 18.48 -15.68
C ALA B 93 -47.84 17.22 -16.04
N ARG B 94 -47.16 16.08 -16.17
CA ARG B 94 -47.80 14.87 -16.64
C ARG B 94 -48.83 14.39 -15.60
N PRO B 95 -50.02 13.97 -16.06
CA PRO B 95 -51.09 13.60 -15.11
C PRO B 95 -50.94 12.20 -14.56
N LYS B 96 -51.99 11.73 -13.87
CA LYS B 96 -52.11 10.39 -13.30
C LYS B 96 -51.77 9.33 -14.32
N PRO B 97 -51.37 8.12 -13.88
CA PRO B 97 -50.99 7.08 -14.85
C PRO B 97 -52.04 6.81 -15.92
N GLY B 98 -53.31 6.68 -15.53
CA GLY B 98 -54.37 6.58 -16.50
C GLY B 98 -54.54 7.89 -17.25
N SER B 99 -54.17 7.91 -18.53
CA SER B 99 -54.21 9.13 -19.31
C SER B 99 -55.60 9.36 -19.88
N PRO B 100 -56.35 10.33 -19.37
CA PRO B 100 -57.71 10.57 -19.87
C PRO B 100 -57.71 11.14 -21.28
N ARG B 101 -56.88 12.16 -21.51
CA ARG B 101 -56.82 12.87 -22.78
C ARG B 101 -55.40 12.82 -23.32
N PRO B 102 -55.15 13.38 -24.51
CA PRO B 102 -53.79 13.34 -25.06
C PRO B 102 -52.88 14.33 -24.36
N PHE B 103 -51.64 13.89 -24.13
CA PHE B 103 -50.62 14.71 -23.47
C PHE B 103 -49.40 14.79 -24.37
N PHE B 104 -49.08 16.00 -24.83
CA PHE B 104 -47.96 16.21 -25.74
C PHE B 104 -46.91 17.10 -25.09
N TRP B 105 -45.67 16.95 -25.56
CA TRP B 105 -44.56 17.77 -25.10
C TRP B 105 -43.55 17.89 -26.23
N MET B 106 -42.81 19.00 -26.24
CA MET B 106 -41.76 19.18 -27.23
C MET B 106 -40.74 20.19 -26.74
N PHE B 107 -39.50 20.01 -27.17
CA PHE B 107 -38.39 20.87 -26.81
C PHE B 107 -37.62 21.22 -28.08
N VAL B 108 -37.33 22.50 -28.27
CA VAL B 108 -36.72 23.00 -29.50
C VAL B 108 -35.40 23.68 -29.15
N ASP B 109 -34.37 23.40 -29.94
CA ASP B 109 -33.05 24.00 -29.79
C ASP B 109 -32.66 24.68 -31.09
N ASN B 110 -32.47 26.01 -31.03
CA ASN B 110 -32.10 26.79 -32.20
C ASN B 110 -30.58 26.79 -32.39
N LEU B 111 -30.03 25.57 -32.53
CA LEU B 111 -28.60 25.36 -32.75
C LEU B 111 -27.76 26.01 -31.65
N VAL B 112 -28.10 25.69 -30.40
CA VAL B 112 -27.40 26.26 -29.25
C VAL B 112 -26.70 25.16 -28.47
N LEU B 113 -27.27 23.96 -28.49
CA LEU B 113 -26.69 22.83 -27.76
C LEU B 113 -25.60 22.20 -28.61
N ASN B 114 -24.40 22.10 -28.06
CA ASN B 114 -23.29 21.43 -28.72
C ASN B 114 -23.53 19.92 -28.72
N LYS B 115 -22.55 19.18 -29.24
CA LYS B 115 -22.66 17.73 -29.28
C LYS B 115 -22.79 17.15 -27.88
N GLU B 116 -21.91 17.57 -26.97
CA GLU B 116 -21.93 17.04 -25.61
C GLU B 116 -23.27 17.27 -24.94
N ASP B 117 -23.86 18.46 -25.11
CA ASP B 117 -25.19 18.72 -24.57
C ASP B 117 -26.28 17.99 -25.35
N LEU B 118 -26.01 17.60 -26.60
CA LEU B 118 -27.04 16.96 -27.42
C LEU B 118 -27.33 15.55 -26.93
N ASP B 119 -26.29 14.75 -26.69
CA ASP B 119 -26.51 13.39 -26.19
C ASP B 119 -27.17 13.40 -24.82
N VAL B 120 -26.93 14.45 -24.03
CA VAL B 120 -27.60 14.57 -22.74
C VAL B 120 -29.10 14.78 -22.94
N ALA B 121 -29.47 15.62 -23.91
CA ALA B 121 -30.89 15.89 -24.16
C ALA B 121 -31.62 14.63 -24.63
N SER B 122 -31.01 13.90 -25.58
CA SER B 122 -31.64 12.70 -26.09
C SER B 122 -31.79 11.63 -25.02
N ARG B 123 -30.81 11.54 -24.10
CA ARG B 123 -30.89 10.55 -23.03
C ARG B 123 -32.04 10.88 -22.08
N PHE B 124 -32.16 12.15 -21.68
CA PHE B 124 -33.20 12.52 -20.71
C PHE B 124 -34.58 12.52 -21.34
N LEU B 125 -34.68 12.92 -22.61
CA LEU B 125 -35.96 12.94 -23.32
C LEU B 125 -36.26 11.62 -24.02
N GLU B 126 -35.36 10.63 -23.88
CA GLU B 126 -35.61 9.26 -24.35
C GLU B 126 -35.91 9.21 -25.85
N MET B 127 -35.21 10.04 -26.61
CA MET B 127 -35.55 10.20 -28.02
C MET B 127 -34.45 10.99 -28.73
N GLU B 128 -34.09 10.53 -29.94
CA GLU B 128 -33.17 11.29 -30.78
C GLU B 128 -33.94 12.41 -31.50
N PRO B 129 -33.34 13.58 -31.66
CA PRO B 129 -34.08 14.72 -32.20
C PRO B 129 -34.25 14.65 -33.71
N VAL B 130 -35.10 15.54 -34.21
CA VAL B 130 -35.37 15.68 -35.64
C VAL B 130 -35.05 17.11 -36.05
N THR B 131 -34.38 17.28 -37.18
CA THR B 131 -33.94 18.57 -37.67
C THR B 131 -34.94 19.11 -38.69
N ILE B 132 -35.34 20.37 -38.51
CA ILE B 132 -36.29 21.03 -39.39
C ILE B 132 -35.62 22.27 -39.98
N PRO B 133 -35.39 22.32 -41.30
CA PRO B 133 -34.78 23.46 -41.99
C PRO B 133 -35.73 24.65 -42.09
N ALA B 143 -32.32 26.73 -38.99
CA ALA B 143 -32.95 25.44 -38.67
C ALA B 143 -32.96 25.21 -37.16
N VAL B 144 -33.79 24.27 -36.72
CA VAL B 144 -33.96 23.96 -35.30
C VAL B 144 -34.07 22.46 -35.12
N ARG B 145 -33.59 21.98 -33.97
CA ARG B 145 -33.73 20.60 -33.57
C ARG B 145 -34.93 20.44 -32.65
N VAL B 146 -35.66 19.34 -32.81
CA VAL B 146 -36.95 19.15 -32.14
C VAL B 146 -36.98 17.77 -31.50
N TRP B 147 -37.13 17.75 -30.17
CA TRP B 147 -37.52 16.55 -29.43
C TRP B 147 -39.01 16.67 -29.14
N SER B 148 -39.78 15.64 -29.51
CA SER B 148 -41.23 15.75 -29.37
C SER B 148 -41.87 14.36 -29.43
N ASN B 149 -42.81 14.12 -28.52
CA ASN B 149 -43.64 12.93 -28.57
C ASN B 149 -44.83 13.08 -29.49
N ILE B 150 -45.01 14.25 -30.11
CA ILE B 150 -46.06 14.48 -31.09
C ILE B 150 -45.83 13.55 -32.26
N PRO B 151 -46.76 12.64 -32.56
CA PRO B 151 -46.46 11.55 -33.51
C PRO B 151 -46.06 12.02 -34.90
N ALA B 152 -46.85 12.90 -35.52
CA ALA B 152 -46.54 13.34 -36.87
C ALA B 152 -45.25 14.15 -36.95
N ILE B 153 -44.75 14.64 -35.82
CA ILE B 153 -43.43 15.27 -35.81
C ILE B 153 -42.33 14.21 -35.72
N ARG B 154 -42.65 13.02 -35.24
CA ARG B 154 -41.76 11.87 -35.33
C ARG B 154 -42.07 10.98 -36.53
N SER B 155 -43.26 11.11 -37.12
CA SER B 155 -43.67 10.28 -38.25
C SER B 155 -43.22 10.87 -39.58
N ARG B 156 -43.62 12.12 -39.86
CA ARG B 156 -43.22 12.77 -41.10
C ARG B 156 -41.71 12.93 -41.15
N HIS B 157 -41.16 12.93 -42.38
CA HIS B 157 -39.72 13.03 -42.59
C HIS B 157 -39.43 14.28 -43.42
N TRP B 158 -38.79 15.27 -42.80
CA TRP B 158 -38.34 16.45 -43.50
C TRP B 158 -37.09 16.12 -44.31
N ALA B 159 -36.70 17.06 -45.17
CA ALA B 159 -35.56 16.84 -46.06
C ALA B 159 -34.29 16.64 -45.25
N LEU B 160 -33.58 15.55 -45.54
CA LEU B 160 -32.33 15.26 -44.84
C LEU B 160 -31.30 16.34 -45.13
N VAL B 161 -30.46 16.63 -44.13
CA VAL B 161 -29.52 17.73 -44.19
C VAL B 161 -28.15 17.23 -43.72
N SER B 162 -27.13 17.52 -44.51
CA SER B 162 -25.76 17.20 -44.14
C SER B 162 -25.29 18.16 -43.05
N GLU B 163 -25.15 17.66 -41.82
CA GLU B 163 -24.76 18.52 -40.71
C GLU B 163 -23.36 19.08 -40.88
N GLU B 164 -22.48 18.35 -41.58
CA GLU B 164 -21.11 18.82 -41.79
C GLU B 164 -21.08 20.18 -42.48
N GLU B 165 -22.05 20.45 -43.35
CA GLU B 165 -22.18 21.77 -43.94
C GLU B 165 -22.92 22.73 -42.99
N LEU B 166 -23.92 22.22 -42.28
CA LEU B 166 -24.64 23.02 -41.30
C LEU B 166 -23.82 23.29 -40.05
N SER B 167 -22.66 22.64 -39.90
CA SER B 167 -21.80 22.91 -38.75
C SER B 167 -21.28 24.35 -38.77
N LEU B 168 -20.72 24.76 -39.91
CA LEU B 168 -20.24 26.13 -40.04
C LEU B 168 -21.36 27.13 -40.28
N LEU B 169 -22.54 26.66 -40.73
CA LEU B 169 -23.66 27.56 -40.93
C LEU B 169 -24.25 28.06 -39.61
N ALA B 170 -23.91 27.42 -38.48
CA ALA B 170 -24.42 27.88 -37.20
C ALA B 170 -23.81 29.21 -36.80
N GLN B 171 -22.59 29.49 -37.25
CA GLN B 171 -21.90 30.74 -36.91
C GLN B 171 -22.30 31.89 -37.81
N ASN B 172 -23.11 31.66 -38.85
CA ASN B 172 -23.50 32.73 -39.75
C ASN B 172 -24.49 33.70 -39.10
N LYS B 173 -25.22 33.26 -38.07
CA LYS B 173 -26.15 34.15 -37.39
C LYS B 173 -25.42 35.33 -36.76
N GLN B 174 -24.32 35.05 -36.06
CA GLN B 174 -23.47 36.08 -35.47
C GLN B 174 -24.25 37.03 -34.57
N PRO B 183 -37.61 29.97 -36.67
CA PRO B 183 -38.11 29.88 -35.29
C PRO B 183 -39.62 29.98 -35.17
N THR B 184 -40.29 30.45 -36.22
CA THR B 184 -41.74 30.68 -36.13
C THR B 184 -42.49 30.03 -37.28
N LYS B 185 -41.87 29.95 -38.45
CA LYS B 185 -42.48 29.27 -39.59
C LYS B 185 -41.89 27.87 -39.81
N LEU B 186 -40.76 27.56 -39.18
CA LEU B 186 -40.15 26.24 -39.30
C LEU B 186 -40.91 25.21 -38.45
N VAL B 187 -41.06 25.49 -37.16
CA VAL B 187 -41.81 24.60 -36.26
C VAL B 187 -43.30 24.92 -36.27
N LYS B 188 -43.74 25.88 -37.11
CA LYS B 188 -45.17 26.04 -37.34
C LYS B 188 -45.74 24.81 -38.04
N ASN B 189 -44.97 24.23 -38.96
CA ASN B 189 -45.29 22.90 -39.48
C ASN B 189 -45.16 21.83 -38.41
N CYS B 190 -44.54 22.14 -37.28
CA CYS B 190 -44.48 21.21 -36.17
C CYS B 190 -45.74 21.26 -35.30
N PHE B 191 -46.28 22.46 -35.09
CA PHE B 191 -47.51 22.61 -34.33
C PHE B 191 -48.73 22.15 -35.10
N LEU B 192 -48.66 22.12 -36.43
CA LEU B 192 -49.75 21.78 -37.34
C LEU B 192 -50.51 20.52 -36.93
N PRO B 193 -49.85 19.37 -36.80
CA PRO B 193 -50.58 18.13 -36.54
C PRO B 193 -51.23 18.03 -35.16
N LEU B 194 -51.17 19.11 -34.37
CA LEU B 194 -51.92 19.15 -33.13
C LEU B 194 -53.39 19.51 -33.33
N ARG B 195 -53.78 19.91 -34.55
CA ARG B 195 -55.19 20.17 -34.82
C ARG B 195 -56.04 18.93 -34.61
N GLU B 196 -55.53 17.77 -35.02
CA GLU B 196 -56.27 16.52 -34.97
C GLU B 196 -56.68 16.13 -33.55
N TYR B 197 -56.17 16.82 -32.53
CA TYR B 197 -56.45 16.48 -31.14
C TYR B 197 -57.17 17.58 -30.36
N PHE B 198 -57.26 18.80 -30.89
CA PHE B 198 -57.81 19.92 -30.15
C PHE B 198 -58.64 20.79 -31.08
N LYS B 199 -59.25 21.84 -30.51
CA LYS B 199 -60.22 22.65 -31.21
C LYS B 199 -59.57 23.57 -32.23
N TYR B 200 -60.19 23.68 -33.40
CA TYR B 200 -59.74 24.55 -34.47
C TYR B 200 -60.50 25.87 -34.40
N PHE B 201 -59.77 26.97 -34.19
CA PHE B 201 -60.38 28.29 -34.04
C PHE B 201 -59.98 29.17 -35.21
N SER B 202 -60.93 29.97 -35.68
CA SER B 202 -60.71 30.84 -36.84
C SER B 202 -61.31 32.22 -36.63
N PHE C 2 49.30 -10.88 32.67
CA PHE C 2 50.55 -11.42 32.13
C PHE C 2 51.73 -11.07 33.03
N GLU C 3 51.92 -11.86 34.08
CA GLU C 3 52.99 -11.62 35.03
C GLU C 3 54.32 -12.15 34.51
N THR C 4 55.39 -11.50 34.92
CA THR C 4 56.73 -11.90 34.48
C THR C 4 57.10 -13.26 35.06
N VAL C 5 57.91 -14.00 34.32
CA VAL C 5 58.25 -15.37 34.69
C VAL C 5 59.73 -15.45 35.05
N PRO C 6 60.09 -16.17 36.12
CA PRO C 6 61.51 -16.34 36.45
C PRO C 6 62.30 -16.94 35.29
N VAL C 7 63.58 -16.58 35.23
CA VAL C 7 64.42 -16.92 34.08
C VAL C 7 64.64 -18.43 34.00
N TRP C 8 64.77 -19.09 35.15
CA TRP C 8 65.03 -20.53 35.18
C TRP C 8 63.81 -21.36 34.80
N ARG C 9 62.66 -20.72 34.56
CA ARG C 9 61.44 -21.41 34.19
C ARG C 9 60.98 -21.07 32.79
N ARG C 10 61.68 -20.16 32.10
CA ARG C 10 61.24 -19.69 30.79
C ARG C 10 61.43 -20.75 29.72
N GLN C 11 60.38 -21.53 29.49
CA GLN C 11 60.39 -22.48 28.39
C GLN C 11 60.57 -21.73 27.07
N PRO C 12 61.12 -22.38 26.06
CA PRO C 12 61.27 -21.72 24.76
C PRO C 12 59.91 -21.56 24.08
N VAL C 13 59.86 -20.66 23.11
CA VAL C 13 58.61 -20.24 22.49
C VAL C 13 58.02 -21.39 21.68
N ARG C 14 56.79 -21.24 21.20
CA ARG C 14 56.31 -22.11 20.13
C ARG C 14 55.28 -21.31 19.34
N VAL C 15 55.70 -20.75 18.21
CA VAL C 15 54.91 -19.72 17.54
C VAL C 15 54.29 -20.28 16.26
N LEU C 16 53.25 -19.58 15.80
CA LEU C 16 52.60 -19.81 14.53
C LEU C 16 52.76 -18.56 13.68
N SER C 17 53.33 -18.72 12.48
CA SER C 17 53.60 -17.62 11.57
C SER C 17 52.66 -17.72 10.38
N LEU C 18 51.92 -16.66 10.13
CA LEU C 18 50.84 -16.67 9.14
C LEU C 18 51.12 -15.67 8.03
N PHE C 19 51.23 -16.19 6.81
CA PHE C 19 51.42 -15.51 5.53
C PHE C 19 52.82 -14.95 5.36
N GLU C 20 53.56 -14.81 6.45
CA GLU C 20 54.91 -14.27 6.42
C GLU C 20 55.72 -15.01 7.47
N ASP C 21 56.86 -15.54 7.05
CA ASP C 21 57.70 -16.37 7.91
C ASP C 21 58.75 -15.50 8.57
N ILE C 22 58.72 -15.45 9.90
CA ILE C 22 59.66 -14.65 10.68
C ILE C 22 60.72 -15.51 11.35
N LYS C 23 60.89 -16.77 10.90
CA LYS C 23 61.87 -17.66 11.49
C LYS C 23 63.25 -17.01 11.53
N LYS C 24 63.78 -16.65 10.37
CA LYS C 24 65.09 -16.02 10.29
C LYS C 24 65.16 -14.76 11.15
N GLU C 25 64.06 -14.02 11.26
CA GLU C 25 64.06 -12.82 12.08
C GLU C 25 63.95 -13.15 13.57
N LEU C 26 63.15 -14.16 13.91
CA LEU C 26 63.07 -14.60 15.31
C LEU C 26 64.32 -15.37 15.72
N THR C 27 64.98 -16.06 14.78
CA THR C 27 66.27 -16.70 15.09
C THR C 27 67.28 -15.69 15.57
N SER C 28 67.42 -14.58 14.83
CA SER C 28 68.42 -13.56 15.14
C SER C 28 68.29 -13.05 16.57
N LEU C 29 67.06 -12.99 17.09
CA LEU C 29 66.83 -12.60 18.48
C LEU C 29 66.88 -13.79 19.43
N GLY C 30 67.24 -14.97 18.95
CA GLY C 30 67.44 -16.13 19.80
C GLY C 30 66.23 -16.60 20.57
N PHE C 31 65.11 -16.79 19.86
CA PHE C 31 63.91 -17.36 20.45
C PHE C 31 63.76 -18.85 20.18
N LEU C 32 64.69 -19.44 19.42
CA LEU C 32 64.61 -20.84 18.99
C LEU C 32 66.00 -21.36 18.69
N GLU C 33 66.21 -22.64 18.98
CA GLU C 33 67.48 -23.28 18.69
C GLU C 33 67.75 -23.25 17.18
N SER C 34 68.98 -22.86 16.82
CA SER C 34 69.38 -22.90 15.42
C SER C 34 69.32 -24.33 14.89
N GLY C 35 69.77 -25.29 15.68
CA GLY C 35 69.50 -26.69 15.42
C GLY C 35 68.01 -26.95 15.50
N SER C 36 67.38 -27.17 14.35
CA SER C 36 65.94 -27.10 14.24
C SER C 36 65.22 -28.32 14.81
N ASP C 37 65.95 -29.33 15.31
CA ASP C 37 65.60 -30.73 15.07
C ASP C 37 64.10 -31.05 15.07
N PRO C 38 63.31 -30.92 16.19
CA PRO C 38 61.86 -30.75 15.99
C PRO C 38 61.49 -29.28 15.94
N GLY C 39 60.74 -28.88 14.91
CA GLY C 39 60.50 -27.47 14.69
C GLY C 39 59.82 -26.83 15.89
N GLN C 40 60.23 -25.59 16.18
CA GLN C 40 59.59 -24.76 17.19
C GLN C 40 58.70 -23.70 16.59
N LEU C 41 58.65 -23.62 15.26
CA LEU C 41 57.87 -22.62 14.54
C LEU C 41 57.17 -23.33 13.40
N LYS C 42 55.85 -23.14 13.31
CA LYS C 42 55.06 -23.70 12.22
C LYS C 42 54.67 -22.57 11.27
N HIS C 43 54.88 -22.80 9.98
CA HIS C 43 54.64 -21.80 8.95
C HIS C 43 53.60 -22.33 7.97
N VAL C 44 52.57 -21.52 7.71
CA VAL C 44 51.53 -21.82 6.74
C VAL C 44 51.32 -20.59 5.86
N VAL C 45 51.42 -20.79 4.55
CA VAL C 45 51.23 -19.68 3.62
C VAL C 45 49.77 -19.54 3.19
N ASP C 46 49.04 -20.65 3.08
CA ASP C 46 47.65 -20.64 2.66
C ASP C 46 46.80 -21.32 3.72
N VAL C 47 45.94 -20.54 4.37
CA VAL C 47 45.12 -21.04 5.47
C VAL C 47 43.77 -21.58 5.01
N THR C 48 43.35 -21.25 3.78
CA THR C 48 42.00 -21.49 3.26
C THR C 48 41.40 -22.84 3.66
N ASP C 49 42.23 -23.89 3.71
CA ASP C 49 41.74 -25.25 3.94
C ASP C 49 42.19 -25.82 5.28
N THR C 50 42.62 -24.97 6.21
CA THR C 50 43.01 -25.43 7.54
C THR C 50 41.82 -25.38 8.48
N VAL C 51 41.73 -26.39 9.35
CA VAL C 51 40.64 -26.51 10.30
C VAL C 51 41.23 -26.38 11.71
N ARG C 52 40.34 -26.21 12.69
CA ARG C 52 40.77 -26.11 14.08
C ARG C 52 41.50 -27.38 14.53
N LYS C 53 41.05 -28.54 14.05
CA LYS C 53 41.72 -29.79 14.39
C LYS C 53 43.16 -29.82 13.91
N ASP C 54 43.51 -29.01 12.91
CA ASP C 54 44.90 -28.91 12.49
C ASP C 54 45.72 -28.10 13.48
N VAL C 55 45.24 -26.90 13.84
CA VAL C 55 45.97 -26.03 14.75
C VAL C 55 46.10 -26.69 16.13
N GLU C 56 45.06 -27.42 16.56
CA GLU C 56 45.14 -28.11 17.83
C GLU C 56 46.15 -29.24 17.79
N GLU C 57 46.27 -29.94 16.65
CA GLU C 57 47.23 -31.02 16.53
C GLU C 57 48.65 -30.53 16.29
N TRP C 58 48.81 -29.26 15.90
CA TRP C 58 50.13 -28.68 15.67
C TRP C 58 50.78 -28.21 16.96
N GLY C 59 50.32 -28.75 18.09
CA GLY C 59 50.87 -28.42 19.38
C GLY C 59 50.34 -27.09 19.88
N PRO C 60 50.21 -26.94 21.19
CA PRO C 60 49.81 -25.65 21.75
C PRO C 60 50.79 -24.56 21.35
N PHE C 61 50.27 -23.36 21.15
CA PHE C 61 51.08 -22.23 20.70
C PHE C 61 51.17 -21.16 21.78
N ASP C 62 52.32 -20.52 21.86
CA ASP C 62 52.52 -19.40 22.76
C ASP C 62 52.49 -18.05 22.04
N LEU C 63 52.72 -18.04 20.73
CA LEU C 63 52.67 -16.82 19.94
C LEU C 63 52.02 -17.12 18.60
N VAL C 64 51.12 -16.23 18.17
CA VAL C 64 50.47 -16.32 16.87
C VAL C 64 50.73 -15.02 16.14
N TYR C 65 51.39 -15.11 14.99
CA TYR C 65 51.83 -13.95 14.23
C TYR C 65 50.99 -13.80 12.97
N GLY C 66 50.64 -12.56 12.65
CA GLY C 66 49.92 -12.27 11.42
C GLY C 66 50.55 -11.11 10.70
N ALA C 67 50.54 -11.18 9.37
CA ALA C 67 51.23 -10.18 8.57
C ALA C 67 50.63 -10.13 7.17
N THR C 68 50.56 -8.92 6.62
CA THR C 68 50.10 -8.67 5.26
C THR C 68 51.30 -8.62 4.31
N PRO C 69 51.07 -8.85 3.01
CA PRO C 69 52.17 -8.75 2.06
C PRO C 69 52.77 -7.37 2.06
N PRO C 70 54.07 -7.24 1.80
CA PRO C 70 54.78 -5.96 1.95
C PRO C 70 54.85 -5.15 0.67
N LEU C 71 53.68 -4.77 0.15
CA LEU C 71 53.58 -3.95 -1.07
C LEU C 71 54.31 -4.62 -2.23
N GLY C 72 54.31 -5.95 -2.23
CA GLY C 72 54.96 -6.69 -3.30
C GLY C 72 54.12 -6.90 -4.53
N HIS C 73 52.85 -6.52 -4.48
CA HIS C 73 51.87 -6.73 -5.55
C HIS C 73 51.70 -8.20 -5.91
N THR C 74 52.22 -9.11 -5.09
CA THR C 74 51.98 -10.55 -5.25
C THR C 74 50.73 -10.97 -4.50
N CYS C 75 49.64 -10.25 -4.76
CA CYS C 75 48.38 -10.42 -4.03
C CYS C 75 47.32 -10.93 -4.99
N ASP C 76 47.04 -12.22 -4.94
CA ASP C 76 45.88 -12.79 -5.62
C ASP C 76 44.64 -12.73 -4.74
N ARG C 77 44.71 -12.03 -3.61
CA ARG C 77 43.64 -11.99 -2.63
C ARG C 77 43.42 -10.57 -2.12
N PRO C 78 42.17 -10.17 -1.89
CA PRO C 78 41.90 -8.86 -1.31
C PRO C 78 42.57 -8.72 0.04
N PRO C 79 42.90 -7.50 0.46
CA PRO C 79 43.67 -7.32 1.69
C PRO C 79 42.92 -7.74 2.95
N SER C 80 41.60 -7.53 3.01
CA SER C 80 40.84 -7.91 4.20
C SER C 80 40.85 -9.40 4.45
N TRP C 81 41.26 -10.21 3.47
CA TRP C 81 41.32 -11.66 3.65
C TRP C 81 42.34 -12.04 4.72
N TYR C 82 43.52 -11.41 4.71
CA TYR C 82 44.55 -11.74 5.68
C TYR C 82 44.09 -11.45 7.10
N LEU C 83 43.24 -10.43 7.29
CA LEU C 83 42.73 -10.12 8.62
C LEU C 83 41.70 -11.15 9.07
N PHE C 84 40.70 -11.42 8.23
CA PHE C 84 39.63 -12.34 8.61
C PHE C 84 40.18 -13.74 8.87
N GLN C 85 41.10 -14.21 8.02
CA GLN C 85 41.68 -15.53 8.23
C GLN C 85 42.57 -15.58 9.47
N PHE C 86 43.27 -14.48 9.76
CA PHE C 86 44.08 -14.43 10.98
C PHE C 86 43.19 -14.52 12.22
N HIS C 87 42.05 -13.84 12.21
CA HIS C 87 41.12 -13.92 13.33
C HIS C 87 40.54 -15.32 13.47
N ARG C 88 40.37 -16.03 12.35
CA ARG C 88 39.77 -17.37 12.40
C ARG C 88 40.68 -18.35 13.10
N LEU C 89 41.98 -18.34 12.77
CA LEU C 89 42.91 -19.28 13.38
C LEU C 89 43.23 -18.90 14.83
N LEU C 90 43.20 -17.62 15.15
CA LEU C 90 43.53 -17.17 16.50
C LEU C 90 42.63 -17.85 17.53
N GLN C 91 41.33 -17.93 17.24
CA GLN C 91 40.41 -18.61 18.16
C GLN C 91 40.66 -20.11 18.16
N TYR C 92 41.16 -20.66 17.06
CA TYR C 92 41.51 -22.08 17.03
C TYR C 92 42.73 -22.36 17.91
N ALA C 93 43.69 -21.43 17.93
CA ALA C 93 44.94 -21.62 18.66
C ALA C 93 44.87 -21.19 20.12
N ARG C 94 43.84 -20.46 20.51
CA ARG C 94 43.74 -19.98 21.88
C ARG C 94 43.45 -21.15 22.83
N PRO C 95 44.15 -21.27 23.93
CA PRO C 95 43.93 -22.39 24.86
C PRO C 95 42.68 -22.15 25.71
N LYS C 96 42.43 -23.13 26.60
CA LYS C 96 41.28 -23.08 27.49
C LYS C 96 41.31 -21.82 28.35
N PRO C 97 40.15 -21.39 28.88
CA PRO C 97 40.14 -20.18 29.73
C PRO C 97 41.11 -20.25 30.91
N GLY C 98 41.22 -21.39 31.56
CA GLY C 98 42.25 -21.57 32.56
C GLY C 98 43.62 -21.55 31.91
N SER C 99 44.36 -20.46 32.12
CA SER C 99 45.60 -20.23 31.39
C SER C 99 46.77 -20.95 32.04
N PRO C 100 47.35 -21.96 31.36
CA PRO C 100 48.52 -22.63 31.94
C PRO C 100 49.80 -21.84 31.79
N ARG C 101 49.82 -20.83 30.90
CA ARG C 101 51.04 -20.12 30.54
C ARG C 101 50.69 -18.84 29.78
N PRO C 102 51.68 -18.02 29.45
CA PRO C 102 51.39 -16.79 28.70
C PRO C 102 51.11 -17.07 27.24
N PHE C 103 50.09 -16.41 26.70
CA PHE C 103 49.72 -16.51 25.29
C PHE C 103 49.71 -15.11 24.69
N PHE C 104 50.46 -14.93 23.61
CA PHE C 104 50.57 -13.65 22.92
C PHE C 104 50.20 -13.82 21.45
N TRP C 105 49.65 -12.76 20.87
CA TRP C 105 49.29 -12.75 19.45
C TRP C 105 49.65 -11.39 18.86
N MET C 106 49.91 -11.38 17.56
CA MET C 106 50.30 -10.16 16.87
C MET C 106 49.87 -10.22 15.41
N PHE C 107 49.33 -9.12 14.91
CA PHE C 107 49.01 -8.94 13.50
C PHE C 107 49.59 -7.61 13.05
N VAL C 108 50.42 -7.64 12.01
CA VAL C 108 51.04 -6.43 11.49
C VAL C 108 50.52 -6.17 10.09
N ASP C 109 50.45 -4.88 9.73
CA ASP C 109 50.02 -4.45 8.41
C ASP C 109 51.15 -3.65 7.77
N ASN C 110 51.54 -4.07 6.57
CA ASN C 110 52.56 -3.36 5.81
C ASN C 110 51.93 -2.35 4.85
N LEU C 111 51.05 -1.51 5.40
CA LEU C 111 50.44 -0.39 4.69
C LEU C 111 49.68 -0.84 3.44
N VAL C 112 48.88 -1.90 3.58
CA VAL C 112 48.04 -2.37 2.50
C VAL C 112 46.55 -2.32 2.85
N LEU C 113 46.20 -1.94 4.08
CA LEU C 113 44.82 -1.85 4.50
C LEU C 113 44.36 -0.39 4.43
N ASN C 114 43.28 -0.14 3.70
CA ASN C 114 42.70 1.19 3.63
C ASN C 114 41.98 1.50 4.95
N LYS C 115 41.43 2.72 5.03
CA LYS C 115 40.75 3.14 6.23
C LYS C 115 39.57 2.24 6.55
N GLU C 116 38.86 1.76 5.53
CA GLU C 116 37.74 0.86 5.74
C GLU C 116 38.19 -0.45 6.38
N ASP C 117 39.29 -1.01 5.90
CA ASP C 117 39.79 -2.27 6.47
C ASP C 117 40.38 -2.06 7.85
N LEU C 118 40.95 -0.88 8.12
CA LEU C 118 41.55 -0.63 9.43
C LEU C 118 40.49 -0.61 10.51
N ASP C 119 39.37 0.08 10.26
CA ASP C 119 38.29 0.11 11.25
C ASP C 119 37.71 -1.27 11.50
N VAL C 120 37.76 -2.15 10.49
CA VAL C 120 37.33 -3.53 10.70
C VAL C 120 38.39 -4.30 11.49
N ALA C 121 39.67 -4.02 11.22
CA ALA C 121 40.74 -4.76 11.88
C ALA C 121 40.77 -4.47 13.38
N SER C 122 40.82 -3.19 13.75
CA SER C 122 40.85 -2.83 15.17
C SER C 122 39.60 -3.29 15.90
N ARG C 123 38.47 -3.39 15.19
CA ARG C 123 37.24 -3.85 15.81
C ARG C 123 37.26 -5.36 16.07
N PHE C 124 37.76 -6.14 15.10
CA PHE C 124 37.85 -7.58 15.29
C PHE C 124 38.95 -7.95 16.29
N LEU C 125 40.00 -7.16 16.37
CA LEU C 125 41.10 -7.41 17.29
C LEU C 125 40.97 -6.63 18.59
N GLU C 126 39.87 -5.90 18.77
CA GLU C 126 39.48 -5.31 20.05
C GLU C 126 40.50 -4.28 20.56
N MET C 127 41.20 -3.62 19.66
CA MET C 127 42.15 -2.58 20.06
C MET C 127 42.58 -1.79 18.84
N GLU C 128 42.81 -0.49 19.05
CA GLU C 128 43.31 0.36 18.00
C GLU C 128 44.79 0.06 17.74
N PRO C 129 45.24 0.20 16.49
CA PRO C 129 46.63 -0.17 16.17
C PRO C 129 47.63 0.87 16.62
N VAL C 130 48.89 0.42 16.70
CA VAL C 130 50.03 1.29 16.99
C VAL C 130 50.96 1.25 15.80
N THR C 131 51.51 2.41 15.44
CA THR C 131 52.38 2.56 14.28
C THR C 131 53.82 2.72 14.75
N ILE C 132 54.69 1.82 14.31
CA ILE C 132 56.09 1.83 14.69
C ILE C 132 56.91 2.27 13.47
N PRO C 133 57.52 3.46 13.50
CA PRO C 133 58.39 3.95 12.42
C PRO C 133 59.81 3.41 12.51
N ALA C 143 57.33 2.27 8.03
CA ALA C 143 56.57 1.98 9.23
C ALA C 143 55.48 0.95 8.95
N VAL C 144 55.05 0.25 10.00
CA VAL C 144 54.01 -0.76 9.91
C VAL C 144 53.02 -0.56 11.06
N ARG C 145 51.79 -1.01 10.84
CA ARG C 145 50.74 -0.97 11.85
C ARG C 145 50.69 -2.31 12.57
N VAL C 146 50.47 -2.27 13.88
CA VAL C 146 50.60 -3.45 14.74
C VAL C 146 49.41 -3.53 15.67
N TRP C 147 48.72 -4.67 15.65
CA TRP C 147 47.74 -5.06 16.66
C TRP C 147 48.33 -6.23 17.42
N SER C 148 48.45 -6.10 18.74
CA SER C 148 49.04 -7.17 19.53
C SER C 148 48.70 -6.97 21.00
N ASN C 149 48.61 -8.09 21.71
CA ASN C 149 48.39 -8.10 23.15
C ASN C 149 49.70 -8.00 23.95
N ILE C 150 50.84 -7.99 23.28
CA ILE C 150 52.14 -7.84 23.96
C ILE C 150 52.16 -6.47 24.61
N PRO C 151 52.34 -6.39 25.93
CA PRO C 151 52.15 -5.11 26.63
C PRO C 151 53.12 -4.02 26.20
N ALA C 152 54.39 -4.36 25.98
CA ALA C 152 55.39 -3.34 25.65
C ALA C 152 55.09 -2.65 24.32
N ILE C 153 54.48 -3.37 23.38
CA ILE C 153 54.14 -2.76 22.09
C ILE C 153 53.09 -1.68 22.29
N ARG C 154 52.10 -1.93 23.14
CA ARG C 154 51.06 -0.96 23.45
C ARG C 154 51.43 -0.07 24.64
N SER C 155 52.67 -0.15 25.14
CA SER C 155 53.13 0.69 26.22
C SER C 155 54.22 1.65 25.78
N ARG C 156 55.31 1.14 25.19
CA ARG C 156 56.42 1.97 24.74
C ARG C 156 55.96 2.93 23.65
N HIS C 157 55.97 4.22 23.95
CA HIS C 157 55.46 5.25 23.04
C HIS C 157 56.49 5.46 21.94
N TRP C 158 56.27 4.85 20.78
CA TRP C 158 57.14 5.07 19.64
C TRP C 158 56.97 6.50 19.12
N ALA C 159 57.83 6.88 18.17
CA ALA C 159 57.78 8.22 17.59
C ALA C 159 56.42 8.46 16.95
N LEU C 160 55.70 9.47 17.44
CA LEU C 160 54.32 9.73 17.03
C LEU C 160 54.29 10.93 16.09
N VAL C 161 54.14 10.64 14.79
CA VAL C 161 53.93 11.66 13.77
C VAL C 161 52.76 11.23 12.91
N SER C 162 51.81 12.13 12.68
CA SER C 162 50.63 11.79 11.91
C SER C 162 51.01 11.37 10.49
N GLU C 163 50.09 10.66 9.85
CA GLU C 163 50.29 10.10 8.52
C GLU C 163 49.65 10.95 7.43
N GLU C 164 49.13 12.14 7.78
CA GLU C 164 48.71 13.09 6.76
C GLU C 164 49.83 13.43 5.80
N GLU C 165 51.09 13.21 6.20
CA GLU C 165 52.25 13.34 5.32
C GLU C 165 52.63 12.02 4.67
N LEU C 166 52.64 10.94 5.45
CA LEU C 166 53.07 9.63 4.97
C LEU C 166 51.99 8.89 4.19
N SER C 167 50.95 9.58 3.73
CA SER C 167 49.99 8.96 2.81
C SER C 167 50.58 8.84 1.42
N LEU C 168 51.02 9.97 0.84
CA LEU C 168 51.73 9.92 -0.43
C LEU C 168 53.21 9.60 -0.23
N LEU C 169 53.77 9.96 0.93
CA LEU C 169 55.20 9.77 1.16
C LEU C 169 55.57 8.29 1.24
N ALA C 170 54.83 7.52 2.04
CA ALA C 170 55.15 6.11 2.20
C ALA C 170 54.78 5.31 0.97
N GLN C 171 53.67 5.66 0.32
CA GLN C 171 53.23 4.95 -0.88
C GLN C 171 53.97 5.45 -2.11
N THR C 184 62.51 -3.65 8.60
CA THR C 184 61.88 -4.65 9.45
C THR C 184 62.57 -4.72 10.81
N LYS C 185 63.57 -3.84 11.01
CA LYS C 185 64.30 -3.82 12.27
C LYS C 185 63.51 -3.17 13.39
N LEU C 186 62.58 -2.28 13.05
CA LEU C 186 61.77 -1.64 14.09
C LEU C 186 60.73 -2.59 14.64
N VAL C 187 60.07 -3.37 13.77
CA VAL C 187 59.15 -4.40 14.22
C VAL C 187 59.89 -5.64 14.70
N LYS C 188 61.21 -5.69 14.50
CA LYS C 188 62.03 -6.69 15.19
C LYS C 188 62.29 -6.30 16.63
N ASN C 189 62.34 -5.00 16.92
CA ASN C 189 62.50 -4.53 18.29
C ASN C 189 61.24 -4.74 19.11
N CYS C 190 60.09 -4.89 18.47
CA CYS C 190 58.86 -5.22 19.16
C CYS C 190 58.67 -6.73 19.30
N PHE C 191 59.42 -7.53 18.54
CA PHE C 191 59.52 -8.96 18.86
C PHE C 191 60.33 -9.18 20.14
N LEU C 192 61.22 -8.23 20.47
CA LEU C 192 62.11 -8.40 21.61
C LEU C 192 61.39 -8.59 22.94
N PRO C 193 60.37 -7.77 23.32
CA PRO C 193 59.82 -7.86 24.68
C PRO C 193 59.22 -9.21 25.05
N LEU C 194 59.22 -10.15 24.11
CA LEU C 194 58.85 -11.52 24.42
C LEU C 194 59.95 -12.27 25.17
N ARG C 195 61.17 -11.72 25.23
CA ARG C 195 62.26 -12.37 25.95
C ARG C 195 61.94 -12.53 27.43
N GLU C 196 61.34 -11.52 28.06
CA GLU C 196 60.99 -11.62 29.47
C GLU C 196 60.07 -12.80 29.77
N TYR C 197 59.55 -13.49 28.76
CA TYR C 197 58.59 -14.57 28.95
C TYR C 197 59.06 -15.93 28.45
N PHE C 198 60.16 -16.02 27.71
CA PHE C 198 60.57 -17.27 27.11
C PHE C 198 62.09 -17.39 27.15
N LYS C 199 62.57 -18.53 26.66
CA LYS C 199 63.98 -18.86 26.74
C LYS C 199 64.81 -17.97 25.81
N TYR C 200 65.97 -17.54 26.31
CA TYR C 200 66.91 -16.73 25.55
C TYR C 200 68.04 -17.65 25.07
N PHE C 201 68.24 -17.68 23.75
CA PHE C 201 69.27 -18.50 23.13
C PHE C 201 70.32 -17.61 22.50
N SER C 202 71.59 -17.95 22.72
CA SER C 202 72.70 -17.19 22.14
C SER C 202 73.60 -18.10 21.32
N LEU D 1 21.85 -33.38 19.40
CA LEU D 1 23.09 -33.59 20.14
C LEU D 1 22.99 -33.03 21.56
N TYR D 2 22.01 -32.14 21.77
CA TYR D 2 21.89 -31.51 23.08
C TYR D 2 20.72 -32.11 23.85
N PRO D 3 20.91 -32.42 25.14
CA PRO D 3 19.86 -33.13 25.90
C PRO D 3 18.54 -32.38 25.95
N ALA D 4 17.51 -33.11 26.38
CA ALA D 4 16.17 -32.59 26.49
C ALA D 4 15.97 -31.89 27.84
N ILE D 5 15.05 -30.93 27.86
CA ILE D 5 14.82 -30.09 29.03
C ILE D 5 13.43 -30.39 29.58
N PRO D 6 13.28 -30.52 30.90
CA PRO D 6 11.94 -30.71 31.48
C PRO D 6 11.05 -29.53 31.18
N ALA D 7 9.75 -29.80 31.03
CA ALA D 7 8.79 -28.75 30.70
C ALA D 7 8.71 -27.66 31.76
N ALA D 8 9.35 -27.85 32.92
CA ALA D 8 9.39 -26.85 33.97
C ALA D 8 10.66 -26.01 33.95
N ARG D 9 11.80 -26.59 33.57
CA ARG D 9 13.05 -25.85 33.46
C ARG D 9 13.12 -25.02 32.19
N ARG D 10 12.02 -24.93 31.43
CA ARG D 10 12.00 -24.15 30.20
C ARG D 10 11.73 -22.69 30.52
N ARG D 11 12.68 -21.83 30.18
CA ARG D 11 12.56 -20.39 30.33
C ARG D 11 12.37 -19.73 28.97
N PRO D 12 11.80 -18.52 28.93
CA PRO D 12 11.60 -17.85 27.64
C PRO D 12 12.91 -17.67 26.87
N ILE D 13 12.79 -17.62 25.56
CA ILE D 13 13.95 -17.60 24.67
C ILE D 13 14.44 -16.17 24.50
N ARG D 14 15.76 -16.01 24.43
CA ARG D 14 16.41 -14.71 24.24
C ARG D 14 17.17 -14.75 22.92
N VAL D 15 16.78 -13.88 21.99
CA VAL D 15 17.22 -13.96 20.60
C VAL D 15 18.01 -12.72 20.23
N LEU D 16 19.14 -12.93 19.54
CA LEU D 16 19.89 -11.87 18.88
C LEU D 16 19.73 -12.08 17.38
N SER D 17 18.99 -11.18 16.73
CA SER D 17 18.72 -11.26 15.31
C SER D 17 19.54 -10.18 14.60
N LEU D 18 20.54 -10.61 13.83
CA LEU D 18 21.36 -9.70 13.05
C LEU D 18 20.83 -9.64 11.62
N PHE D 19 20.86 -8.45 11.02
CA PHE D 19 20.27 -8.21 9.70
C PHE D 19 18.79 -8.64 9.70
N ASP D 20 18.07 -8.16 10.73
CA ASP D 20 16.76 -8.69 11.06
C ASP D 20 15.74 -8.49 9.93
N GLY D 21 15.91 -7.45 9.14
CA GLY D 21 14.97 -7.22 8.04
C GLY D 21 13.61 -6.82 8.58
N ILE D 22 12.60 -7.63 8.28
CA ILE D 22 11.22 -7.30 8.64
C ILE D 22 10.74 -8.25 9.74
N ALA D 23 11.67 -8.66 10.60
CA ALA D 23 11.34 -9.39 11.82
C ALA D 23 10.72 -10.74 11.52
N THR D 24 11.22 -11.40 10.46
CA THR D 24 10.76 -12.75 10.15
C THR D 24 11.01 -13.70 11.30
N GLY D 25 12.20 -13.63 11.90
CA GLY D 25 12.52 -14.51 13.02
C GLY D 25 11.54 -14.37 14.17
N TYR D 26 11.26 -13.13 14.57
CA TYR D 26 10.31 -12.92 15.66
C TYR D 26 8.92 -13.42 15.27
N LEU D 27 8.49 -13.13 14.05
CA LEU D 27 7.18 -13.58 13.59
C LEU D 27 7.05 -15.09 13.69
N VAL D 28 8.05 -15.82 13.19
CA VAL D 28 8.00 -17.28 13.22
C VAL D 28 7.95 -17.79 14.65
N LEU D 29 8.83 -17.26 15.51
CA LEU D 29 8.88 -17.71 16.89
C LEU D 29 7.55 -17.50 17.60
N LYS D 30 6.95 -16.31 17.43
CA LYS D 30 5.68 -16.04 18.07
C LYS D 30 4.54 -16.86 17.46
N GLU D 31 4.67 -17.23 16.18
CA GLU D 31 3.67 -18.10 15.55
C GLU D 31 3.81 -19.56 15.95
N LEU D 32 4.94 -19.96 16.52
CA LEU D 32 5.13 -21.31 17.02
C LEU D 32 4.64 -21.49 18.45
N GLY D 33 4.29 -20.42 19.14
CA GLY D 33 3.89 -20.50 20.53
C GLY D 33 5.02 -20.39 21.53
N ILE D 34 6.20 -19.93 21.10
CA ILE D 34 7.36 -19.82 21.97
C ILE D 34 7.34 -18.47 22.66
N LYS D 35 7.51 -18.47 23.98
CA LYS D 35 7.68 -17.21 24.71
C LYS D 35 8.99 -16.56 24.30
N VAL D 36 8.93 -15.30 23.90
CA VAL D 36 10.10 -14.54 23.48
C VAL D 36 10.42 -13.56 24.60
N GLY D 37 11.43 -13.89 25.43
CA GLY D 37 11.80 -13.02 26.52
C GLY D 37 12.54 -11.77 26.06
N LYS D 38 13.32 -11.88 24.99
CA LYS D 38 14.12 -10.76 24.51
C LYS D 38 14.47 -11.01 23.05
N TYR D 39 14.32 -9.97 22.22
CA TYR D 39 14.59 -10.07 20.79
C TYR D 39 15.34 -8.81 20.37
N VAL D 40 16.65 -8.93 20.18
CA VAL D 40 17.52 -7.82 19.84
C VAL D 40 17.76 -7.86 18.33
N ALA D 41 17.32 -6.81 17.63
CA ALA D 41 17.39 -6.75 16.17
C ALA D 41 18.41 -5.72 15.74
N SER D 42 19.31 -6.12 14.85
CA SER D 42 20.29 -5.23 14.22
C SER D 42 19.82 -4.97 12.79
N GLU D 43 19.36 -3.75 12.54
CA GLU D 43 18.80 -3.37 11.25
C GLU D 43 19.01 -1.89 11.05
N VAL D 44 19.24 -1.50 9.79
CA VAL D 44 19.52 -0.11 9.45
C VAL D 44 18.51 0.48 8.47
N CYS D 45 17.62 -0.32 7.88
CA CYS D 45 16.62 0.20 6.97
C CYS D 45 15.43 0.73 7.76
N GLU D 46 15.10 2.01 7.57
CA GLU D 46 14.02 2.63 8.34
C GLU D 46 12.70 1.88 8.15
N GLU D 47 12.34 1.59 6.89
CA GLU D 47 11.07 0.92 6.64
C GLU D 47 11.05 -0.48 7.25
N SER D 48 12.18 -1.18 7.21
CA SER D 48 12.24 -2.50 7.83
C SER D 48 11.98 -2.41 9.33
N ILE D 49 12.65 -1.47 10.00
CA ILE D 49 12.42 -1.26 11.43
C ILE D 49 10.99 -0.83 11.69
N ALA D 50 10.43 0.01 10.80
CA ALA D 50 9.05 0.42 10.94
C ALA D 50 8.10 -0.77 10.93
N VAL D 51 8.37 -1.75 10.06
CA VAL D 51 7.55 -2.96 10.02
C VAL D 51 7.63 -3.70 11.34
N GLY D 52 8.86 -3.92 11.83
CA GLY D 52 9.03 -4.73 13.03
C GLY D 52 8.43 -4.09 14.27
N THR D 53 8.57 -2.77 14.40
CA THR D 53 8.02 -2.10 15.58
C THR D 53 6.50 -2.04 15.54
N VAL D 54 5.93 -1.77 14.37
CA VAL D 54 4.49 -1.58 14.27
C VAL D 54 3.76 -2.91 14.35
N LYS D 55 4.22 -3.91 13.59
CA LYS D 55 3.54 -5.19 13.57
C LYS D 55 3.70 -5.97 14.88
N HIS D 56 4.78 -5.70 15.62
CA HIS D 56 5.04 -6.40 16.87
C HIS D 56 4.97 -5.49 18.09
N GLU D 57 4.51 -4.24 17.92
CA GLU D 57 4.13 -3.36 19.02
C GLU D 57 5.26 -3.18 20.03
N GLY D 58 6.48 -3.00 19.52
CA GLY D 58 7.59 -2.64 20.38
C GLY D 58 8.13 -3.73 21.26
N ASN D 59 7.90 -5.00 20.93
CA ASN D 59 8.53 -6.08 21.66
C ASN D 59 9.96 -6.33 21.20
N ILE D 60 10.40 -5.69 20.13
CA ILE D 60 11.72 -5.89 19.55
C ILE D 60 12.59 -4.70 19.90
N LYS D 61 13.77 -4.97 20.47
CA LYS D 61 14.75 -3.93 20.76
C LYS D 61 15.68 -3.77 19.57
N TYR D 62 15.61 -2.62 18.90
CA TYR D 62 16.42 -2.35 17.71
C TYR D 62 17.71 -1.65 18.11
N VAL D 63 18.83 -2.15 17.58
CA VAL D 63 20.17 -1.84 18.09
C VAL D 63 21.15 -1.34 17.05
N ASN D 64 20.79 -0.35 16.24
CA ASN D 64 21.16 -0.10 14.85
C ASN D 64 22.42 -0.84 14.38
N ASP D 65 23.08 -0.36 13.33
CA ASP D 65 24.16 -1.05 12.62
C ASP D 65 24.95 -2.08 13.43
N VAL D 66 25.15 -3.25 12.82
CA VAL D 66 25.83 -4.38 13.48
C VAL D 66 27.30 -4.07 13.72
N ARG D 67 27.92 -3.25 12.86
CA ARG D 67 29.34 -2.94 13.02
C ARG D 67 29.60 -2.01 14.20
N ASN D 68 28.56 -1.53 14.87
CA ASN D 68 28.71 -0.70 16.07
C ASN D 68 28.31 -1.46 17.34
N ILE D 69 28.09 -2.76 17.24
CA ILE D 69 27.81 -3.60 18.39
C ILE D 69 29.14 -4.06 18.98
N THR D 70 29.36 -3.75 20.26
CA THR D 70 30.61 -4.07 20.93
C THR D 70 30.48 -5.38 21.72
N LYS D 71 31.63 -5.88 22.18
CA LYS D 71 31.62 -7.07 23.02
C LYS D 71 30.89 -6.82 24.34
N LYS D 72 30.95 -5.60 24.86
CA LYS D 72 30.19 -5.26 26.05
C LYS D 72 28.70 -5.32 25.78
N ASN D 73 28.27 -4.93 24.58
CA ASN D 73 26.86 -4.98 24.23
C ASN D 73 26.34 -6.41 24.27
N ILE D 74 27.10 -7.34 23.69
CA ILE D 74 26.67 -8.74 23.66
C ILE D 74 26.51 -9.29 25.07
N GLU D 75 27.32 -8.82 26.01
CA GLU D 75 27.22 -9.29 27.39
C GLU D 75 26.17 -8.50 28.16
N GLU D 76 26.02 -7.20 27.90
CA GLU D 76 24.95 -6.43 28.50
C GLU D 76 23.58 -6.93 28.01
N TRP D 77 23.39 -7.00 26.70
CA TRP D 77 22.13 -7.45 26.13
C TRP D 77 21.91 -8.94 26.33
N GLY D 78 22.97 -9.69 26.63
CA GLY D 78 22.86 -11.11 26.81
C GLY D 78 22.28 -11.49 28.15
N PRO D 79 22.25 -12.80 28.43
CA PRO D 79 22.68 -13.87 27.51
C PRO D 79 21.68 -14.11 26.39
N PHE D 80 22.14 -14.75 25.31
CA PHE D 80 21.29 -15.07 24.17
C PHE D 80 21.17 -16.58 24.05
N ASP D 81 19.96 -17.06 23.78
CA ASP D 81 19.73 -18.46 23.52
C ASP D 81 19.69 -18.79 22.04
N LEU D 82 19.54 -17.79 21.18
CA LEU D 82 19.41 -17.99 19.73
C LEU D 82 20.01 -16.79 19.02
N VAL D 83 20.88 -17.06 18.05
CA VAL D 83 21.52 -16.03 17.23
C VAL D 83 21.26 -16.37 15.78
N ILE D 84 20.43 -15.58 15.12
CA ILE D 84 20.01 -15.84 13.75
C ILE D 84 20.30 -14.61 12.91
N GLY D 85 20.71 -14.84 11.66
CA GLY D 85 20.96 -13.75 10.75
C GLY D 85 21.09 -14.22 9.33
N GLY D 86 20.72 -13.37 8.40
CA GLY D 86 21.11 -13.53 7.01
C GLY D 86 21.63 -12.21 6.47
N SER D 87 22.90 -12.20 6.09
CA SER D 87 23.54 -10.95 5.68
C SER D 87 23.18 -10.61 4.23
N PRO D 88 23.37 -9.36 3.83
CA PRO D 88 23.09 -9.00 2.43
C PRO D 88 23.83 -9.90 1.45
N CYS D 89 23.16 -10.20 0.34
CA CYS D 89 23.68 -11.10 -0.69
C CYS D 89 23.82 -10.43 -2.05
N ASN D 90 23.66 -9.11 -2.11
CA ASN D 90 23.80 -8.40 -3.38
C ASN D 90 25.21 -8.50 -3.95
N ASP D 91 26.21 -8.72 -3.10
CA ASP D 91 27.58 -8.95 -3.53
C ASP D 91 27.96 -10.43 -3.48
N LEU D 92 27.00 -11.31 -3.22
CA LEU D 92 27.22 -12.75 -3.17
C LEU D 92 26.43 -13.52 -4.23
N SER D 93 25.17 -13.15 -4.45
CA SER D 93 24.32 -13.88 -5.38
C SER D 93 24.82 -13.74 -6.82
N ASN D 94 24.42 -14.70 -7.64
CA ASN D 94 24.82 -14.71 -9.06
C ASN D 94 23.95 -13.80 -9.91
N VAL D 95 22.79 -13.37 -9.41
CA VAL D 95 21.94 -12.46 -10.17
C VAL D 95 22.60 -11.11 -10.39
N ASN D 96 23.54 -10.73 -9.53
CA ASN D 96 24.32 -9.51 -9.72
C ASN D 96 25.61 -9.86 -10.46
N PRO D 97 25.76 -9.49 -11.73
CA PRO D 97 27.01 -9.78 -12.44
C PRO D 97 28.20 -8.96 -11.94
N ALA D 98 27.96 -7.91 -11.17
CA ALA D 98 29.03 -7.07 -10.62
C ALA D 98 29.26 -7.35 -9.13
N ARG D 99 29.03 -8.58 -8.69
CA ARG D 99 29.21 -8.90 -7.28
C ARG D 99 30.69 -8.87 -6.91
N LYS D 100 30.96 -8.57 -5.64
CA LYS D 100 32.32 -8.34 -5.16
C LYS D 100 32.80 -9.43 -4.22
N GLY D 101 32.08 -10.54 -4.11
CA GLY D 101 32.44 -11.57 -3.16
C GLY D 101 32.15 -11.15 -1.74
N LEU D 102 32.54 -12.01 -0.79
CA LEU D 102 32.29 -11.76 0.61
C LEU D 102 33.44 -11.04 1.31
N TYR D 103 34.48 -10.64 0.57
CA TYR D 103 35.59 -9.90 1.16
C TYR D 103 35.57 -8.42 0.80
N GLU D 104 34.76 -8.01 -0.19
CA GLU D 104 34.60 -6.62 -0.56
C GLU D 104 33.11 -6.27 -0.60
N GLY D 105 32.82 -4.98 -0.73
CA GLY D 105 31.44 -4.55 -0.83
C GLY D 105 30.69 -4.81 0.46
N THR D 106 29.51 -5.40 0.34
CA THR D 106 28.68 -5.75 1.49
C THR D 106 28.80 -7.21 1.89
N GLY D 107 29.61 -8.00 1.18
CA GLY D 107 29.83 -9.37 1.59
C GLY D 107 30.58 -9.50 2.90
N ARG D 108 31.35 -8.47 3.28
CA ARG D 108 32.08 -8.50 4.54
C ARG D 108 31.13 -8.67 5.72
N LEU D 109 29.90 -8.17 5.60
CA LEU D 109 28.96 -8.18 6.72
C LEU D 109 28.67 -9.58 7.24
N PHE D 110 29.02 -10.63 6.48
CA PHE D 110 28.95 -11.98 7.04
C PHE D 110 29.85 -12.12 8.25
N PHE D 111 31.10 -11.65 8.14
CA PHE D 111 32.04 -11.79 9.23
C PHE D 111 31.57 -11.07 10.50
N GLU D 112 30.71 -10.07 10.35
CA GLU D 112 30.10 -9.45 11.52
C GLU D 112 29.21 -10.44 12.26
N PHE D 113 28.44 -11.24 11.52
CA PHE D 113 27.68 -12.33 12.13
C PHE D 113 28.62 -13.32 12.79
N TYR D 114 29.69 -13.71 12.08
CA TYR D 114 30.70 -14.60 12.66
C TYR D 114 31.33 -13.98 13.91
N HIS D 115 31.62 -12.68 13.85
CA HIS D 115 32.26 -12.01 14.98
C HIS D 115 31.35 -12.04 16.21
N LEU D 116 30.10 -11.57 16.06
CA LEU D 116 29.18 -11.50 17.19
C LEU D 116 28.71 -12.88 17.63
N LEU D 117 28.82 -13.90 16.77
CA LEU D 117 28.43 -15.24 17.19
C LEU D 117 29.35 -15.78 18.26
N ASN D 118 30.66 -15.59 18.09
CA ASN D 118 31.63 -16.04 19.10
C ASN D 118 31.46 -15.27 20.40
N TYR D 119 31.12 -13.98 20.33
CA TYR D 119 30.83 -13.22 21.55
C TYR D 119 29.63 -13.82 22.28
N SER D 120 28.57 -14.15 21.55
CA SER D 120 27.35 -14.68 22.14
C SER D 120 27.47 -16.13 22.58
N ARG D 121 28.51 -16.84 22.14
CA ARG D 121 28.64 -18.24 22.48
C ARG D 121 28.85 -18.41 23.99
N PRO D 122 28.21 -19.39 24.61
CA PRO D 122 28.47 -19.66 26.03
C PRO D 122 29.91 -20.11 26.23
N LYS D 123 30.55 -19.55 27.26
CA LYS D 123 31.93 -19.90 27.55
C LYS D 123 32.05 -21.36 27.97
N GLU D 124 33.29 -21.86 27.92
CA GLU D 124 33.54 -23.25 28.28
C GLU D 124 33.15 -23.52 29.72
N GLY D 125 32.47 -24.64 29.94
CA GLY D 125 31.89 -24.95 31.23
C GLY D 125 30.45 -24.54 31.37
N ASP D 126 29.80 -24.09 30.30
CA ASP D 126 28.41 -23.67 30.30
C ASP D 126 27.64 -24.61 29.38
N ASP D 127 27.05 -25.65 29.96
CA ASP D 127 26.29 -26.64 29.23
C ASP D 127 24.86 -26.19 28.92
N ARG D 128 24.60 -24.88 29.01
CA ARG D 128 23.28 -24.35 28.72
C ARG D 128 23.00 -24.44 27.23
N PRO D 129 21.73 -24.48 26.83
CA PRO D 129 21.41 -24.60 25.40
C PRO D 129 21.76 -23.34 24.64
N PHE D 130 22.21 -23.53 23.40
CA PHE D 130 22.56 -22.41 22.54
C PHE D 130 22.42 -22.85 21.08
N PHE D 131 21.63 -22.10 20.32
CA PHE D 131 21.34 -22.42 18.93
C PHE D 131 21.60 -21.20 18.06
N TRP D 132 22.03 -21.45 16.83
CA TRP D 132 22.33 -20.37 15.89
C TRP D 132 22.00 -20.83 14.48
N MET D 133 21.84 -19.85 13.59
CA MET D 133 21.45 -20.12 12.22
C MET D 133 21.91 -18.96 11.34
N PHE D 134 22.35 -19.29 10.13
CA PHE D 134 22.77 -18.28 9.16
C PHE D 134 22.22 -18.67 7.79
N GLU D 135 21.55 -17.73 7.14
CA GLU D 135 20.92 -17.93 5.85
C GLU D 135 21.62 -17.09 4.79
N ASN D 136 21.71 -17.64 3.57
CA ASN D 136 22.21 -16.89 2.43
C ASN D 136 21.83 -17.64 1.15
N VAL D 137 22.15 -17.03 0.01
CA VAL D 137 21.75 -17.59 -1.27
C VAL D 137 22.62 -18.80 -1.62
N VAL D 138 22.12 -19.61 -2.54
CA VAL D 138 22.90 -20.73 -3.09
C VAL D 138 23.70 -20.34 -4.31
N ALA D 139 23.43 -19.16 -4.89
CA ALA D 139 24.04 -18.73 -6.14
C ALA D 139 25.35 -17.97 -5.92
N MET D 140 26.05 -18.27 -4.85
CA MET D 140 27.33 -17.63 -4.55
C MET D 140 28.47 -18.48 -5.10
N LYS D 141 29.63 -17.84 -5.26
CA LYS D 141 30.82 -18.55 -5.68
C LYS D 141 31.16 -19.65 -4.68
N VAL D 142 31.64 -20.79 -5.20
CA VAL D 142 32.02 -21.89 -4.33
C VAL D 142 33.15 -21.48 -3.39
N GLY D 143 33.99 -20.54 -3.82
CA GLY D 143 34.98 -19.98 -2.92
C GLY D 143 34.36 -19.24 -1.76
N ASP D 144 33.22 -18.59 -1.99
CA ASP D 144 32.51 -17.93 -0.89
C ASP D 144 31.84 -18.96 0.01
N LYS D 145 31.13 -19.93 -0.59
CA LYS D 145 30.47 -20.98 0.20
C LYS D 145 31.49 -21.77 1.01
N ARG D 146 32.68 -21.97 0.46
CA ARG D 146 33.74 -22.66 1.20
C ARG D 146 34.15 -21.86 2.43
N ASP D 147 34.48 -20.58 2.24
CA ASP D 147 35.00 -19.78 3.34
C ASP D 147 33.94 -19.57 4.43
N ILE D 148 32.69 -19.33 4.04
CA ILE D 148 31.62 -19.17 5.01
C ILE D 148 31.51 -20.41 5.89
N SER D 149 31.58 -21.60 5.27
CA SER D 149 31.54 -22.84 6.02
C SER D 149 32.76 -23.02 6.92
N ARG D 150 33.90 -22.40 6.57
CA ARG D 150 35.09 -22.53 7.40
C ARG D 150 34.97 -21.68 8.66
N PHE D 151 34.52 -20.43 8.52
CA PHE D 151 34.41 -19.56 9.68
C PHE D 151 33.36 -20.04 10.66
N LEU D 152 32.23 -20.55 10.14
CA LEU D 152 31.20 -21.11 11.00
C LEU D 152 31.47 -22.55 11.39
N GLU D 153 32.51 -23.18 10.84
CA GLU D 153 32.90 -24.56 11.15
C GLU D 153 31.71 -25.50 11.00
N CYS D 154 30.96 -25.33 9.92
CA CYS D 154 29.74 -26.10 9.70
C CYS D 154 29.37 -26.04 8.23
N ASN D 155 28.71 -27.10 7.76
CA ASN D 155 28.28 -27.15 6.37
C ASN D 155 26.80 -26.84 6.25
N PRO D 156 26.39 -26.16 5.18
CA PRO D 156 25.00 -25.74 5.08
C PRO D 156 24.08 -26.84 4.53
N VAL D 157 22.81 -26.74 4.91
CA VAL D 157 21.76 -27.57 4.35
C VAL D 157 20.86 -26.67 3.51
N MET D 158 20.65 -27.06 2.26
CA MET D 158 19.85 -26.27 1.34
C MET D 158 18.37 -26.64 1.51
N ILE D 159 17.52 -25.62 1.62
CA ILE D 159 16.08 -25.80 1.69
C ILE D 159 15.45 -24.85 0.68
N ASP D 160 14.74 -25.42 -0.30
CA ASP D 160 14.05 -24.62 -1.30
C ASP D 160 12.61 -24.39 -0.84
N ALA D 161 12.19 -23.12 -0.87
CA ALA D 161 10.82 -22.78 -0.49
C ALA D 161 9.77 -23.37 -1.42
N ILE D 162 10.19 -23.99 -2.52
CA ILE D 162 9.28 -24.61 -3.47
C ILE D 162 8.44 -25.70 -2.83
N LYS D 163 8.92 -26.30 -1.74
CA LYS D 163 8.23 -27.41 -1.12
C LYS D 163 7.12 -26.95 -0.17
N VAL D 164 7.16 -25.71 0.30
CA VAL D 164 6.19 -25.22 1.28
C VAL D 164 5.58 -23.88 0.88
N SER D 165 5.99 -23.30 -0.24
CA SER D 165 5.44 -22.04 -0.71
C SER D 165 5.16 -22.17 -2.21
N ALA D 166 4.65 -21.09 -2.79
CA ALA D 166 4.34 -21.05 -4.21
C ALA D 166 5.48 -20.50 -5.05
N ALA D 167 6.69 -20.43 -4.50
CA ALA D 167 7.81 -19.82 -5.19
C ALA D 167 9.06 -20.65 -5.03
N HIS D 168 9.89 -20.65 -6.07
CA HIS D 168 11.23 -21.22 -5.97
C HIS D 168 12.09 -20.29 -5.10
N ARG D 169 12.69 -20.83 -4.05
CA ARG D 169 13.66 -20.06 -3.27
C ARG D 169 14.65 -21.04 -2.64
N ALA D 170 15.77 -21.26 -3.33
CA ALA D 170 16.79 -22.19 -2.84
C ALA D 170 17.82 -21.41 -2.03
N ARG D 171 17.95 -21.74 -0.76
CA ARG D 171 18.81 -21.01 0.17
C ARG D 171 19.63 -21.98 1.00
N TYR D 172 20.84 -21.55 1.35
CA TYR D 172 21.71 -22.29 2.26
C TYR D 172 21.39 -21.89 3.70
N PHE D 173 21.49 -22.86 4.61
CA PHE D 173 21.19 -22.64 6.03
C PHE D 173 22.27 -23.30 6.89
N TRP D 174 23.31 -22.53 7.22
CA TRP D 174 24.23 -22.94 8.26
C TRP D 174 23.57 -22.86 9.61
N GLY D 175 23.90 -23.78 10.51
CA GLY D 175 23.37 -23.71 11.84
C GLY D 175 23.62 -24.99 12.61
N ASN D 176 23.08 -25.01 13.84
CA ASN D 176 23.14 -26.17 14.71
C ASN D 176 21.77 -26.51 15.28
N LEU D 177 20.71 -26.10 14.60
CA LEU D 177 19.35 -26.36 15.07
C LEU D 177 19.04 -27.85 15.00
N PRO D 178 18.23 -28.36 15.92
CA PRO D 178 17.86 -29.78 15.87
C PRO D 178 17.12 -30.12 14.58
N GLY D 179 17.57 -31.19 13.92
CA GLY D 179 16.93 -31.66 12.71
C GLY D 179 16.79 -30.63 11.61
N MET D 180 17.92 -30.17 11.06
CA MET D 180 17.89 -29.31 9.89
C MET D 180 17.98 -30.09 8.59
N ASN D 181 18.58 -31.28 8.63
CA ASN D 181 18.69 -32.14 7.45
C ASN D 181 17.46 -33.01 7.26
N ARG D 182 16.47 -32.94 8.15
CA ARG D 182 15.28 -33.74 8.05
C ARG D 182 14.50 -33.37 6.79
N PRO D 183 13.70 -34.30 6.26
CA PRO D 183 12.91 -34.00 5.06
C PRO D 183 11.89 -32.89 5.32
N VAL D 184 11.85 -31.92 4.41
CA VAL D 184 10.91 -30.82 4.53
C VAL D 184 9.51 -31.32 4.19
N ILE D 185 8.58 -31.19 5.14
CA ILE D 185 7.21 -31.64 4.95
C ILE D 185 6.30 -30.42 4.90
N ALA D 186 5.22 -30.55 4.14
CA ALA D 186 4.27 -29.46 3.95
C ALA D 186 3.19 -29.50 5.03
N SER D 187 2.71 -28.32 5.41
CA SER D 187 1.64 -28.19 6.38
C SER D 187 0.31 -27.93 5.68
N LYS D 188 -0.77 -28.13 6.43
CA LYS D 188 -2.10 -27.92 5.87
C LYS D 188 -2.38 -26.44 5.62
N ASN D 189 -1.72 -25.56 6.36
CA ASN D 189 -1.90 -24.12 6.21
C ASN D 189 -0.96 -23.50 5.18
N ASP D 190 -0.08 -24.30 4.57
CA ASP D 190 0.86 -23.79 3.57
C ASP D 190 0.15 -23.63 2.23
N LYS D 191 0.25 -22.43 1.66
CA LYS D 191 -0.34 -22.14 0.36
C LYS D 191 0.67 -22.56 -0.71
N LEU D 192 0.46 -23.74 -1.29
CA LEU D 192 1.47 -24.36 -2.15
C LEU D 192 1.40 -23.90 -3.60
N GLU D 193 0.24 -23.50 -4.08
CA GLU D 193 0.10 -23.05 -5.47
C GLU D 193 -0.26 -21.57 -5.52
N LEU D 194 0.21 -20.90 -6.58
CA LEU D 194 0.04 -19.45 -6.71
C LEU D 194 -1.41 -19.03 -6.59
N GLN D 195 -2.34 -19.88 -7.02
CA GLN D 195 -3.76 -19.56 -6.91
C GLN D 195 -4.17 -19.31 -5.46
N ASP D 196 -3.62 -20.10 -4.54
CA ASP D 196 -3.95 -19.94 -3.13
C ASP D 196 -3.47 -18.61 -2.57
N CYS D 197 -2.56 -17.92 -3.25
CA CYS D 197 -2.02 -16.65 -2.79
C CYS D 197 -2.70 -15.45 -3.44
N LEU D 198 -3.49 -15.65 -4.48
CA LEU D 198 -4.10 -14.54 -5.19
C LEU D 198 -5.38 -14.08 -4.49
N GLU D 199 -5.88 -12.93 -4.94
CA GLU D 199 -7.10 -12.34 -4.40
C GLU D 199 -8.31 -12.88 -5.16
N TYR D 200 -9.49 -12.38 -4.81
CA TYR D 200 -10.70 -12.75 -5.50
C TYR D 200 -10.67 -12.23 -6.94
N ASN D 201 -11.30 -12.99 -7.84
CA ASN D 201 -11.45 -12.63 -9.25
C ASN D 201 -10.11 -12.51 -9.97
N ARG D 202 -9.08 -13.18 -9.48
CA ARG D 202 -7.77 -13.22 -10.12
C ARG D 202 -7.38 -14.66 -10.39
N ILE D 203 -6.78 -14.89 -11.56
CA ILE D 203 -6.45 -16.23 -12.02
C ILE D 203 -4.95 -16.34 -12.21
N ALA D 204 -4.37 -17.43 -11.71
CA ALA D 204 -2.94 -17.66 -11.82
C ALA D 204 -2.61 -18.47 -13.07
N LYS D 205 -1.55 -18.07 -13.75
CA LYS D 205 -1.11 -18.80 -14.93
C LYS D 205 -0.24 -20.00 -14.59
N LEU D 206 0.54 -19.91 -13.52
CA LEU D 206 1.45 -20.96 -13.13
C LEU D 206 1.10 -21.46 -11.73
N LYS D 207 1.58 -22.67 -11.41
CA LYS D 207 1.47 -23.17 -10.05
C LYS D 207 2.58 -22.65 -9.16
N LYS D 208 3.75 -22.39 -9.75
CA LYS D 208 4.90 -21.87 -9.02
C LYS D 208 5.54 -20.74 -9.81
N VAL D 209 6.17 -19.81 -9.09
CA VAL D 209 6.75 -18.63 -9.71
C VAL D 209 8.26 -18.65 -9.51
N GLN D 210 8.93 -17.81 -10.30
CA GLN D 210 10.37 -17.63 -10.21
C GLN D 210 10.77 -17.17 -8.81
N THR D 211 12.07 -17.26 -8.52
CA THR D 211 12.61 -16.70 -7.30
C THR D 211 12.38 -15.19 -7.30
N ILE D 212 11.71 -14.70 -6.27
CA ILE D 212 11.31 -13.30 -6.19
C ILE D 212 12.45 -12.49 -5.60
N THR D 213 12.92 -11.49 -6.34
CA THR D 213 13.96 -10.58 -5.90
C THR D 213 13.35 -9.22 -5.55
N THR D 214 14.21 -8.24 -5.24
CA THR D 214 13.73 -6.90 -4.96
C THR D 214 13.28 -6.17 -6.21
N LYS D 215 13.72 -6.60 -7.39
CA LYS D 215 13.40 -5.93 -8.63
C LYS D 215 12.08 -6.44 -9.19
N SER D 216 11.40 -5.57 -9.95
CA SER D 216 10.09 -5.89 -10.50
C SER D 216 10.14 -6.91 -11.63
N ASN D 217 11.32 -7.20 -12.19
CA ASN D 217 11.41 -8.13 -13.30
C ASN D 217 11.28 -9.58 -12.88
N SER D 218 11.54 -9.90 -11.61
CA SER D 218 11.39 -11.27 -11.15
C SER D 218 9.93 -11.68 -11.00
N ILE D 219 8.99 -10.74 -11.13
CA ILE D 219 7.58 -11.09 -11.14
C ILE D 219 7.16 -11.60 -12.51
N LYS D 220 7.77 -11.06 -13.57
CA LYS D 220 7.53 -11.54 -14.93
C LYS D 220 8.22 -12.88 -15.11
N GLN D 221 7.46 -13.92 -15.43
CA GLN D 221 7.97 -15.28 -15.42
C GLN D 221 8.54 -15.68 -16.77
N GLY D 222 9.52 -16.60 -16.73
CA GLY D 222 10.06 -17.22 -17.93
C GLY D 222 11.08 -16.36 -18.65
N LYS D 223 11.52 -16.88 -19.80
CA LYS D 223 12.46 -16.16 -20.65
C LYS D 223 11.78 -15.11 -21.51
N ASN D 224 10.47 -15.23 -21.74
CA ASN D 224 9.71 -14.23 -22.46
C ASN D 224 9.06 -13.21 -21.54
N GLN D 225 9.26 -13.32 -20.23
CA GLN D 225 8.85 -12.31 -19.26
C GLN D 225 7.35 -12.04 -19.33
N LEU D 226 6.58 -13.06 -18.94
CA LEU D 226 5.13 -13.02 -19.03
C LEU D 226 4.51 -12.69 -17.67
N PHE D 227 3.42 -11.94 -17.69
CA PHE D 227 2.73 -11.60 -16.45
C PHE D 227 2.15 -12.87 -15.82
N PRO D 228 2.23 -13.01 -14.49
CA PRO D 228 1.81 -14.27 -13.86
C PRO D 228 0.32 -14.37 -13.56
N VAL D 229 -0.45 -13.30 -13.73
CA VAL D 229 -1.84 -13.26 -13.28
C VAL D 229 -2.72 -12.72 -14.39
N VAL D 230 -3.97 -13.19 -14.41
CA VAL D 230 -5.02 -12.67 -15.28
C VAL D 230 -6.22 -12.33 -14.43
N MET D 231 -6.72 -11.11 -14.55
CA MET D 231 -7.99 -10.73 -13.96
C MET D 231 -8.75 -9.84 -14.94
N ASN D 232 -10.07 -10.00 -14.96
CA ASN D 232 -10.94 -9.30 -15.92
C ASN D 232 -10.49 -9.55 -17.36
N GLY D 233 -9.87 -10.70 -17.60
CA GLY D 233 -9.37 -11.04 -18.92
C GLY D 233 -8.06 -10.41 -19.29
N LYS D 234 -7.61 -9.40 -18.56
CA LYS D 234 -6.35 -8.71 -18.85
C LYS D 234 -5.24 -9.21 -17.94
N GLU D 235 -4.01 -9.18 -18.47
CA GLU D 235 -2.87 -9.66 -17.73
C GLU D 235 -2.40 -8.61 -16.73
N ASP D 236 -1.88 -9.07 -15.60
CA ASP D 236 -1.47 -8.18 -14.52
C ASP D 236 -0.41 -8.86 -13.68
N VAL D 237 0.40 -8.03 -13.01
CA VAL D 237 1.46 -8.50 -12.13
C VAL D 237 0.87 -8.86 -10.77
N LEU D 238 1.69 -9.49 -9.92
CA LEU D 238 1.28 -9.81 -8.56
C LEU D 238 1.06 -8.55 -7.75
N TRP D 239 0.17 -8.65 -6.75
CA TRP D 239 -0.05 -7.58 -5.79
C TRP D 239 0.78 -7.81 -4.54
N CYS D 240 0.98 -6.72 -3.79
CA CYS D 240 1.77 -6.80 -2.57
C CYS D 240 1.18 -7.81 -1.58
N THR D 241 -0.14 -7.78 -1.40
CA THR D 241 -0.80 -8.75 -0.52
C THR D 241 -0.62 -10.17 -1.03
N GLU D 242 -0.44 -10.35 -2.34
CA GLU D 242 -0.21 -11.67 -2.89
C GLU D 242 1.26 -12.09 -2.72
N LEU D 243 2.18 -11.15 -2.94
CA LEU D 243 3.59 -11.41 -2.62
C LEU D 243 3.76 -11.85 -1.18
N GLU D 244 3.03 -11.22 -0.26
CA GLU D 244 3.11 -11.59 1.14
C GLU D 244 2.64 -13.03 1.36
N ARG D 245 1.52 -13.42 0.73
CA ARG D 245 1.04 -14.78 0.88
C ARG D 245 2.00 -15.79 0.24
N ILE D 246 2.70 -15.39 -0.83
CA ILE D 246 3.69 -16.27 -1.43
C ILE D 246 4.83 -16.53 -0.46
N PHE D 247 5.28 -15.49 0.26
CA PHE D 247 6.38 -15.63 1.21
C PHE D 247 5.95 -16.22 2.54
N GLY D 248 4.65 -16.39 2.78
CA GLY D 248 4.17 -16.91 4.04
C GLY D 248 3.94 -15.87 5.12
N PHE D 249 4.13 -14.59 4.82
CA PHE D 249 3.86 -13.55 5.79
C PHE D 249 2.36 -13.33 5.92
N PRO D 250 1.92 -12.78 7.06
CA PRO D 250 0.50 -12.40 7.17
C PRO D 250 0.15 -11.34 6.15
N VAL D 251 -1.13 -11.29 5.78
CA VAL D 251 -1.57 -10.31 4.80
C VAL D 251 -1.43 -8.92 5.38
N HIS D 252 -1.05 -7.97 4.53
CA HIS D 252 -0.85 -6.57 4.90
C HIS D 252 0.30 -6.40 5.89
N TYR D 253 1.24 -7.34 5.92
CA TYR D 253 2.36 -7.28 6.84
C TYR D 253 3.28 -6.12 6.54
N THR D 254 3.42 -5.75 5.26
CA THR D 254 4.28 -4.64 4.85
C THR D 254 3.45 -3.42 4.45
N ASP D 255 2.26 -3.27 5.03
CA ASP D 255 1.43 -2.09 4.78
C ASP D 255 1.70 -1.02 5.85
N VAL D 256 2.93 -0.50 5.82
CA VAL D 256 3.38 0.52 6.75
C VAL D 256 4.18 1.57 5.99
N SER D 257 4.37 2.72 6.64
CA SER D 257 5.26 3.79 6.17
C SER D 257 4.89 4.29 4.78
N ASN D 258 3.60 4.24 4.43
CA ASN D 258 3.11 4.70 3.13
C ASN D 258 3.88 4.06 1.98
N MET D 259 4.38 2.85 2.19
CA MET D 259 5.20 2.19 1.19
C MET D 259 4.39 1.82 -0.04
N GLY D 260 4.90 2.19 -1.21
CA GLY D 260 4.31 1.78 -2.45
C GLY D 260 4.61 0.32 -2.75
N ARG D 261 4.30 -0.08 -4.00
CA ARG D 261 4.54 -1.46 -4.39
C ARG D 261 6.02 -1.75 -4.50
N GLY D 262 6.81 -0.78 -4.98
CA GLY D 262 8.24 -1.02 -5.15
C GLY D 262 8.94 -1.24 -3.82
N ALA D 263 8.63 -0.40 -2.83
CA ALA D 263 9.28 -0.52 -1.53
C ALA D 263 8.93 -1.83 -0.86
N ARG D 264 7.66 -2.26 -0.94
CA ARG D 264 7.24 -3.48 -0.26
C ARG D 264 7.86 -4.71 -0.90
N GLN D 265 8.08 -4.69 -2.22
CA GLN D 265 8.77 -5.81 -2.85
C GLN D 265 10.25 -5.81 -2.49
N LYS D 266 10.84 -4.64 -2.25
CA LYS D 266 12.24 -4.58 -1.84
C LYS D 266 12.45 -5.26 -0.49
N LEU D 267 11.49 -5.11 0.43
CA LEU D 267 11.60 -5.78 1.73
C LEU D 267 11.33 -7.26 1.60
N LEU D 268 10.23 -7.63 0.92
CA LEU D 268 9.89 -9.04 0.78
C LEU D 268 10.91 -9.78 -0.09
N GLY D 269 11.46 -9.11 -1.10
CA GLY D 269 12.35 -9.78 -2.03
C GLY D 269 13.58 -10.40 -1.38
N ARG D 270 14.05 -9.80 -0.30
CA ARG D 270 15.25 -10.29 0.39
C ARG D 270 14.93 -10.93 1.73
N SER D 271 13.66 -11.14 2.04
CA SER D 271 13.28 -11.72 3.32
C SER D 271 13.45 -13.24 3.27
N TRP D 272 12.96 -13.92 4.29
CA TRP D 272 12.95 -15.37 4.35
C TRP D 272 11.57 -15.90 4.01
N SER D 273 11.53 -17.12 3.47
CA SER D 273 10.27 -17.82 3.33
C SER D 273 9.81 -18.27 4.71
N VAL D 274 8.69 -17.70 5.18
CA VAL D 274 8.22 -17.99 6.54
C VAL D 274 8.05 -19.49 6.80
N PRO D 275 7.39 -20.28 5.94
CA PRO D 275 7.24 -21.70 6.24
C PRO D 275 8.55 -22.47 6.27
N VAL D 276 9.58 -21.99 5.56
CA VAL D 276 10.90 -22.60 5.66
C VAL D 276 11.50 -22.35 7.04
N ILE D 277 11.41 -21.11 7.51
CA ILE D 277 11.94 -20.77 8.84
C ILE D 277 11.16 -21.52 9.92
N ARG D 278 9.86 -21.66 9.74
CA ARG D 278 9.06 -22.41 10.70
C ARG D 278 9.52 -23.87 10.78
N HIS D 279 9.85 -24.47 9.62
CA HIS D 279 10.42 -25.81 9.62
C HIS D 279 11.74 -25.86 10.38
N LEU D 280 12.48 -24.75 10.40
CA LEU D 280 13.77 -24.74 11.07
C LEU D 280 13.63 -24.48 12.57
N PHE D 281 12.74 -23.57 12.94
CA PHE D 281 12.57 -23.21 14.36
C PHE D 281 11.59 -24.12 15.09
N ALA D 282 10.92 -25.02 14.39
CA ALA D 282 9.93 -25.88 15.03
C ALA D 282 10.50 -26.72 16.18
N PRO D 283 11.68 -27.33 16.09
CA PRO D 283 12.18 -28.13 17.22
C PRO D 283 12.69 -27.29 18.40
N LEU D 284 12.59 -25.97 18.35
CA LEU D 284 13.01 -25.14 19.47
C LEU D 284 11.97 -25.09 20.59
N LYS D 285 10.68 -25.32 20.28
CA LYS D 285 9.64 -25.26 21.30
C LYS D 285 9.74 -26.40 22.32
N ASP D 286 10.67 -27.34 22.13
CA ASP D 286 10.96 -28.35 23.13
C ASP D 286 12.11 -27.95 24.04
N TYR D 287 12.65 -26.73 23.87
CA TYR D 287 13.72 -26.21 24.71
C TYR D 287 13.38 -24.89 25.39
N PHE D 288 12.23 -24.28 25.07
CA PHE D 288 11.87 -22.99 25.62
C PHE D 288 10.38 -22.97 25.94
N ALA D 289 9.97 -21.90 26.61
CA ALA D 289 8.66 -21.88 27.28
C ALA D 289 7.51 -21.86 26.28
N CYS D 290 6.45 -22.58 26.62
CA CYS D 290 5.22 -22.57 25.85
C CYS D 290 4.47 -21.24 26.06
N GLU D 291 3.43 -21.04 25.25
CA GLU D 291 2.61 -19.84 25.37
C GLU D 291 1.28 -20.02 24.63
#